data_2KFF
#
_entry.id   2KFF
#
loop_
_entity.id
_entity.type
_entity.pdbx_description
1 polymer 'EH domain-containing protein 1'
2 polymer 'Rab11-FIP2 NPF peptide FNYESTNPFTAK'
3 non-polymer 'CALCIUM ION'
#
loop_
_entity_poly.entity_id
_entity_poly.type
_entity_poly.pdbx_seq_one_letter_code
_entity_poly.pdbx_strand_id
1 'polypeptide(L)'
;GPLGSDDVEWVVGKDKPTYDEIFYTLSPVNGKITGANAKKEMVKSKLPNTVLGKIWKLADVDKDGLLDDEEFALANHLIK
VKLEGHELPADLPPHLVPPSKRRHE
;
A
2 'polypeptide(L)' FNYESTNPFTAK B
#
loop_
_chem_comp.id
_chem_comp.type
_chem_comp.name
_chem_comp.formula
CA non-polymer 'CALCIUM ION' 'Ca 2'
#
# COMPACT_ATOMS: atom_id res chain seq x y z
N GLY A 1 25.67 -18.85 0.90
CA GLY A 1 24.22 -19.04 1.11
C GLY A 1 23.55 -19.66 -0.10
N PRO A 2 22.21 -19.60 -0.17
CA PRO A 2 21.44 -20.20 -1.27
C PRO A 2 21.67 -19.47 -2.60
N LEU A 3 21.47 -18.16 -2.60
CA LEU A 3 21.61 -17.37 -3.81
C LEU A 3 22.83 -16.45 -3.74
N GLY A 4 22.76 -15.47 -2.85
CA GLY A 4 23.85 -14.51 -2.73
C GLY A 4 23.65 -13.32 -3.64
N SER A 5 23.37 -13.59 -4.91
CA SER A 5 23.10 -12.54 -5.89
C SER A 5 21.82 -11.80 -5.51
N ASP A 6 20.73 -12.55 -5.45
CA ASP A 6 19.43 -11.99 -5.10
C ASP A 6 19.14 -12.25 -3.63
N ASP A 7 19.49 -11.29 -2.78
CA ASP A 7 19.17 -11.39 -1.36
C ASP A 7 18.40 -10.15 -0.95
N VAL A 8 17.18 -10.06 -1.44
CA VAL A 8 16.36 -8.88 -1.25
C VAL A 8 15.46 -9.03 -0.02
N GLU A 9 15.26 -7.94 0.68
CA GLU A 9 14.40 -7.94 1.87
C GLU A 9 13.31 -6.88 1.75
N TRP A 10 12.08 -7.34 1.67
CA TRP A 10 10.93 -6.44 1.61
C TRP A 10 10.75 -5.78 2.97
N VAL A 11 10.98 -4.47 3.02
CA VAL A 11 10.97 -3.72 4.28
C VAL A 11 9.68 -3.92 5.07
N VAL A 12 8.58 -4.11 4.36
CA VAL A 12 7.28 -4.26 4.98
C VAL A 12 7.13 -5.62 5.63
N GLY A 13 7.92 -6.58 5.18
CA GLY A 13 7.80 -7.93 5.68
C GLY A 13 8.27 -8.04 7.12
N LYS A 14 8.91 -7.00 7.65
CA LYS A 14 9.40 -7.05 9.01
C LYS A 14 8.38 -6.46 9.99
N ASP A 15 7.45 -5.68 9.48
CA ASP A 15 6.45 -5.05 10.33
C ASP A 15 5.07 -5.17 9.67
N LYS A 16 4.90 -6.29 8.98
CA LYS A 16 3.68 -6.54 8.21
C LYS A 16 2.52 -6.93 9.13
N PRO A 17 2.71 -7.84 10.12
CA PRO A 17 1.64 -8.25 11.04
C PRO A 17 0.91 -7.07 11.69
N THR A 18 1.59 -5.93 11.82
CA THR A 18 0.97 -4.77 12.43
C THR A 18 -0.01 -4.10 11.47
N TYR A 19 0.42 -3.90 10.21
CA TYR A 19 -0.45 -3.30 9.21
C TYR A 19 -1.51 -4.32 8.81
N ASP A 20 -1.17 -5.57 9.04
CA ASP A 20 -2.07 -6.69 8.78
C ASP A 20 -3.20 -6.68 9.79
N GLU A 21 -2.84 -6.44 11.05
CA GLU A 21 -3.80 -6.35 12.14
C GLU A 21 -4.75 -5.19 11.89
N ILE A 22 -4.20 -4.06 11.46
CA ILE A 22 -5.00 -2.89 11.13
C ILE A 22 -5.91 -3.18 9.93
N PHE A 23 -5.43 -4.05 9.05
CA PHE A 23 -6.18 -4.43 7.85
C PHE A 23 -7.45 -5.17 8.25
N TYR A 24 -7.33 -6.03 9.24
CA TYR A 24 -8.45 -6.82 9.71
C TYR A 24 -9.46 -5.98 10.49
N THR A 25 -9.01 -4.86 11.05
CA THR A 25 -9.89 -4.03 11.86
C THR A 25 -10.78 -3.15 10.98
N LEU A 26 -10.60 -3.22 9.68
CA LEU A 26 -11.39 -2.42 8.75
C LEU A 26 -12.44 -3.27 8.05
N SER A 27 -12.57 -4.53 8.49
CA SER A 27 -13.52 -5.48 7.93
C SER A 27 -13.16 -5.81 6.47
N PRO A 28 -12.25 -6.77 6.27
CA PRO A 28 -11.83 -7.18 4.95
C PRO A 28 -12.75 -8.24 4.34
N VAL A 29 -13.43 -7.86 3.27
CA VAL A 29 -14.30 -8.78 2.54
C VAL A 29 -13.51 -9.49 1.45
N ASN A 30 -13.74 -10.79 1.32
CA ASN A 30 -13.00 -11.69 0.40
C ASN A 30 -11.48 -11.47 0.48
N GLY A 31 -11.02 -10.95 1.62
CA GLY A 31 -9.59 -10.83 1.85
C GLY A 31 -9.02 -9.47 1.47
N LYS A 32 -9.89 -8.54 1.10
CA LYS A 32 -9.45 -7.18 0.77
C LYS A 32 -10.34 -6.17 1.44
N ILE A 33 -9.95 -4.92 1.29
CA ILE A 33 -10.79 -3.81 1.72
C ILE A 33 -11.04 -2.88 0.56
N THR A 34 -12.19 -2.26 0.56
CA THR A 34 -12.57 -1.33 -0.49
C THR A 34 -11.98 0.04 -0.22
N GLY A 35 -12.23 0.98 -1.13
CA GLY A 35 -11.75 2.33 -0.94
C GLY A 35 -12.26 2.95 0.33
N ALA A 36 -13.49 2.61 0.71
CA ALA A 36 -14.15 3.19 1.88
C ALA A 36 -13.38 2.93 3.18
N ASN A 37 -12.89 1.71 3.30
CA ASN A 37 -12.27 1.27 4.55
C ASN A 37 -10.88 1.87 4.68
N ALA A 38 -10.11 1.80 3.62
CA ALA A 38 -8.78 2.39 3.61
C ALA A 38 -8.88 3.91 3.61
N LYS A 39 -10.02 4.43 3.15
CA LYS A 39 -10.26 5.87 3.14
C LYS A 39 -10.38 6.38 4.56
N LYS A 40 -11.29 5.79 5.35
CA LYS A 40 -11.48 6.20 6.73
C LYS A 40 -10.18 6.04 7.52
N GLU A 41 -9.39 5.03 7.16
CA GLU A 41 -8.08 4.82 7.77
C GLU A 41 -7.18 6.03 7.52
N MET A 42 -7.05 6.40 6.26
CA MET A 42 -6.22 7.53 5.87
C MET A 42 -6.84 8.85 6.32
N VAL A 43 -8.14 8.83 6.53
CA VAL A 43 -8.87 9.99 6.99
C VAL A 43 -8.41 10.39 8.38
N LYS A 44 -8.30 9.42 9.27
CA LYS A 44 -7.95 9.75 10.62
C LYS A 44 -6.44 9.62 10.86
N SER A 45 -5.70 9.21 9.83
CA SER A 45 -4.23 9.21 9.92
C SER A 45 -3.71 10.64 10.00
N LYS A 46 -4.56 11.59 9.57
CA LYS A 46 -4.28 13.03 9.64
C LYS A 46 -3.29 13.47 8.56
N LEU A 47 -3.20 12.69 7.50
CA LEU A 47 -2.36 13.05 6.37
C LEU A 47 -3.17 13.83 5.33
N PRO A 48 -2.52 14.72 4.56
CA PRO A 48 -3.17 15.48 3.50
C PRO A 48 -3.78 14.58 2.42
N ASN A 49 -4.88 15.06 1.84
CA ASN A 49 -5.64 14.32 0.83
C ASN A 49 -4.75 13.92 -0.34
N THR A 50 -3.85 14.82 -0.73
CA THR A 50 -2.93 14.58 -1.83
C THR A 50 -2.02 13.38 -1.55
N VAL A 51 -1.46 13.35 -0.34
CA VAL A 51 -0.58 12.25 0.05
C VAL A 51 -1.36 10.94 0.10
N LEU A 52 -2.57 10.99 0.63
CA LEU A 52 -3.42 9.79 0.73
C LEU A 52 -3.64 9.18 -0.65
N GLY A 53 -3.98 10.02 -1.61
CA GLY A 53 -4.19 9.56 -2.97
C GLY A 53 -2.92 9.00 -3.59
N LYS A 54 -1.79 9.61 -3.23
CA LYS A 54 -0.50 9.21 -3.76
C LYS A 54 -0.09 7.85 -3.20
N ILE A 55 -0.34 7.66 -1.90
CA ILE A 55 -0.07 6.40 -1.24
C ILE A 55 -0.90 5.28 -1.84
N TRP A 56 -2.18 5.55 -2.11
CA TRP A 56 -3.05 4.58 -2.78
C TRP A 56 -2.48 4.23 -4.15
N LYS A 57 -1.97 5.25 -4.84
CA LYS A 57 -1.40 5.09 -6.18
C LYS A 57 -0.17 4.17 -6.15
N LEU A 58 0.49 4.11 -5.00
CA LEU A 58 1.63 3.22 -4.83
C LEU A 58 1.20 1.86 -4.30
N ALA A 59 0.16 1.85 -3.49
CA ALA A 59 -0.24 0.65 -2.75
C ALA A 59 -0.87 -0.41 -3.65
N ASP A 60 -1.75 0.00 -4.55
CA ASP A 60 -2.46 -0.97 -5.39
C ASP A 60 -1.66 -1.27 -6.64
N VAL A 61 -0.53 -1.95 -6.46
CA VAL A 61 0.34 -2.35 -7.56
C VAL A 61 -0.37 -3.38 -8.43
N ASP A 62 -1.36 -4.02 -7.83
CA ASP A 62 -2.13 -5.06 -8.49
C ASP A 62 -3.18 -4.46 -9.43
N LYS A 63 -3.56 -3.21 -9.14
CA LYS A 63 -4.49 -2.44 -9.96
C LYS A 63 -5.84 -3.12 -10.07
N ASP A 64 -6.42 -3.47 -8.93
CA ASP A 64 -7.74 -4.11 -8.92
C ASP A 64 -8.72 -3.23 -8.16
N GLY A 65 -8.28 -2.04 -7.80
CA GLY A 65 -9.15 -1.10 -7.11
C GLY A 65 -9.44 -1.51 -5.67
N LEU A 66 -8.89 -2.65 -5.27
CA LEU A 66 -9.05 -3.14 -3.91
C LEU A 66 -7.69 -3.36 -3.29
N LEU A 67 -7.64 -3.33 -1.97
CA LEU A 67 -6.38 -3.49 -1.28
C LEU A 67 -6.35 -4.81 -0.55
N ASP A 68 -5.50 -5.71 -1.04
CA ASP A 68 -5.18 -6.93 -0.30
C ASP A 68 -4.32 -6.57 0.90
N ASP A 69 -4.13 -7.53 1.79
CA ASP A 69 -3.30 -7.31 2.97
C ASP A 69 -1.88 -6.88 2.59
N GLU A 70 -1.41 -7.34 1.43
CA GLU A 70 -0.10 -6.95 0.92
C GLU A 70 -0.09 -5.45 0.64
N GLU A 71 -1.09 -5.03 -0.12
CA GLU A 71 -1.16 -3.65 -0.63
C GLU A 71 -1.47 -2.68 0.49
N PHE A 72 -2.30 -3.10 1.43
CA PHE A 72 -2.65 -2.26 2.57
C PHE A 72 -1.46 -2.11 3.50
N ALA A 73 -0.68 -3.18 3.64
CA ALA A 73 0.53 -3.13 4.44
C ALA A 73 1.53 -2.16 3.84
N LEU A 74 1.57 -2.12 2.52
CA LEU A 74 2.44 -1.18 1.80
C LEU A 74 2.00 0.25 2.10
N ALA A 75 0.70 0.47 2.01
CA ALA A 75 0.12 1.78 2.27
C ALA A 75 0.39 2.23 3.70
N ASN A 76 0.18 1.32 4.65
CA ASN A 76 0.37 1.63 6.06
C ASN A 76 1.84 1.89 6.37
N HIS A 77 2.73 1.23 5.65
CA HIS A 77 4.15 1.44 5.80
C HIS A 77 4.52 2.87 5.35
N LEU A 78 3.90 3.31 4.25
CA LEU A 78 4.10 4.66 3.74
C LEU A 78 3.55 5.69 4.72
N ILE A 79 2.40 5.38 5.32
CA ILE A 79 1.79 6.26 6.30
C ILE A 79 2.60 6.29 7.59
N LYS A 80 3.14 5.14 7.99
CA LYS A 80 3.94 5.05 9.20
C LYS A 80 5.17 5.92 9.08
N VAL A 81 5.88 5.83 7.96
CA VAL A 81 7.07 6.62 7.76
C VAL A 81 6.71 8.12 7.74
N LYS A 82 5.54 8.43 7.17
CA LYS A 82 5.01 9.80 7.25
C LYS A 82 4.87 10.24 8.71
N LEU A 83 4.33 9.37 9.55
CA LEU A 83 4.10 9.69 10.95
C LEU A 83 5.43 9.84 11.68
N GLU A 84 6.42 9.06 11.25
CA GLU A 84 7.73 9.08 11.87
C GLU A 84 8.56 10.29 11.39
N GLY A 85 7.93 11.15 10.60
CA GLY A 85 8.57 12.37 10.16
C GLY A 85 9.43 12.16 8.93
N HIS A 86 8.99 11.27 8.05
CA HIS A 86 9.70 11.02 6.81
C HIS A 86 8.77 11.26 5.62
N GLU A 87 9.34 11.24 4.43
CA GLU A 87 8.56 11.35 3.21
C GLU A 87 8.62 10.04 2.45
N LEU A 88 7.57 9.74 1.70
CA LEU A 88 7.57 8.58 0.84
C LEU A 88 7.97 9.03 -0.56
N PRO A 89 8.81 8.25 -1.25
CA PRO A 89 9.43 8.66 -2.52
C PRO A 89 8.43 8.89 -3.65
N ALA A 90 7.16 8.51 -3.41
CA ALA A 90 6.11 8.61 -4.41
C ALA A 90 6.42 7.71 -5.61
N ASP A 91 7.34 6.78 -5.38
CA ASP A 91 7.80 5.86 -6.41
C ASP A 91 7.85 4.47 -5.82
N LEU A 92 7.89 3.44 -6.66
CA LEU A 92 7.97 2.07 -6.18
C LEU A 92 9.33 1.46 -6.50
N PRO A 93 10.30 1.60 -5.59
CA PRO A 93 11.59 0.90 -5.68
C PRO A 93 11.44 -0.60 -5.44
N PRO A 94 12.41 -1.41 -5.92
CA PRO A 94 12.36 -2.88 -5.82
C PRO A 94 12.27 -3.41 -4.39
N HIS A 95 12.40 -2.54 -3.38
CA HIS A 95 12.28 -2.98 -2.01
C HIS A 95 10.97 -2.48 -1.38
N LEU A 96 10.20 -1.71 -2.14
CA LEU A 96 8.88 -1.28 -1.73
C LEU A 96 7.81 -2.12 -2.41
N VAL A 97 8.07 -2.47 -3.66
CA VAL A 97 7.09 -3.18 -4.47
C VAL A 97 7.06 -4.66 -4.11
N PRO A 98 5.86 -5.16 -3.75
CA PRO A 98 5.66 -6.57 -3.42
C PRO A 98 5.92 -7.47 -4.63
N PRO A 99 6.69 -8.54 -4.44
CA PRO A 99 7.00 -9.51 -5.50
C PRO A 99 5.76 -10.26 -5.97
N SER A 100 4.64 -9.96 -5.34
CA SER A 100 3.38 -10.61 -5.64
C SER A 100 2.76 -10.04 -6.91
N LYS A 101 3.31 -8.94 -7.38
CA LYS A 101 2.79 -8.29 -8.58
C LYS A 101 3.80 -8.38 -9.72
N ARG A 102 4.85 -9.16 -9.53
CA ARG A 102 5.88 -9.31 -10.55
C ARG A 102 5.65 -10.58 -11.35
N ARG A 103 4.92 -10.47 -12.45
CA ARG A 103 4.68 -11.61 -13.32
C ARG A 103 5.68 -11.64 -14.46
N HIS A 104 6.51 -12.66 -14.49
CA HIS A 104 7.50 -12.80 -15.55
C HIS A 104 7.15 -13.95 -16.48
N GLU A 105 7.26 -13.69 -17.77
CA GLU A 105 7.18 -14.73 -18.77
C GLU A 105 8.38 -14.62 -19.71
N PHE B 1 -6.15 14.96 -22.06
CA PHE B 1 -5.49 14.26 -20.95
C PHE B 1 -6.36 14.30 -19.70
N ASN B 2 -6.95 13.18 -19.34
CA ASN B 2 -7.76 13.06 -18.14
C ASN B 2 -7.48 11.73 -17.46
N TYR B 3 -7.63 10.64 -18.23
CA TYR B 3 -7.37 9.28 -17.76
C TYR B 3 -8.42 8.81 -16.75
N GLU B 4 -8.53 7.49 -16.64
CA GLU B 4 -9.48 6.87 -15.73
C GLU B 4 -8.90 6.82 -14.32
N SER B 5 -9.25 7.81 -13.52
CA SER B 5 -8.77 7.87 -12.16
C SER B 5 -9.43 6.78 -11.31
N THR B 6 -8.62 5.88 -10.77
CA THR B 6 -9.12 4.81 -9.94
C THR B 6 -8.76 5.09 -8.48
N ASN B 7 -8.47 6.35 -8.19
CA ASN B 7 -8.10 6.77 -6.85
C ASN B 7 -9.32 7.40 -6.15
N PRO B 8 -9.85 6.70 -5.12
CA PRO B 8 -11.06 7.13 -4.40
C PRO B 8 -10.81 8.32 -3.47
N PHE B 9 -9.56 8.76 -3.40
CA PHE B 9 -9.21 9.89 -2.55
C PHE B 9 -9.29 11.19 -3.31
N THR B 10 -9.25 11.10 -4.64
CA THR B 10 -9.33 12.30 -5.46
C THR B 10 -10.62 12.31 -6.30
N ALA B 11 -10.97 11.15 -6.87
CA ALA B 11 -12.18 10.99 -7.70
C ALA B 11 -12.13 11.84 -8.98
N LYS B 12 -12.18 13.15 -8.80
CA LYS B 12 -12.16 14.12 -9.89
C LYS B 12 -13.41 13.99 -10.76
CA CA C . -5.24 -4.29 -5.23
N GLY A 1 22.80 -23.06 -15.96
CA GLY A 1 23.56 -21.91 -15.40
C GLY A 1 23.09 -21.55 -14.00
N PRO A 2 23.65 -20.48 -13.41
CA PRO A 2 23.26 -20.02 -12.08
C PRO A 2 21.90 -19.32 -12.10
N LEU A 3 21.29 -19.17 -10.93
CA LEU A 3 19.99 -18.51 -10.84
C LEU A 3 20.19 -17.02 -10.65
N GLY A 4 21.00 -16.66 -9.66
CA GLY A 4 21.20 -15.27 -9.33
C GLY A 4 20.92 -15.02 -7.86
N SER A 5 21.92 -14.55 -7.13
CA SER A 5 21.80 -14.47 -5.68
C SER A 5 21.67 -13.03 -5.21
N ASP A 6 20.52 -12.42 -5.48
CA ASP A 6 20.21 -11.12 -4.88
C ASP A 6 18.96 -11.26 -4.03
N ASP A 7 19.11 -11.14 -2.73
CA ASP A 7 18.00 -11.36 -1.81
C ASP A 7 17.37 -10.03 -1.41
N VAL A 8 16.19 -9.76 -1.94
CA VAL A 8 15.52 -8.49 -1.71
C VAL A 8 14.86 -8.44 -0.33
N GLU A 9 15.05 -7.32 0.35
CA GLU A 9 14.47 -7.13 1.68
C GLU A 9 13.23 -6.24 1.59
N TRP A 10 12.07 -6.84 1.84
CA TRP A 10 10.82 -6.10 1.87
C TRP A 10 10.63 -5.50 3.26
N VAL A 11 10.79 -4.18 3.37
CA VAL A 11 10.80 -3.49 4.66
C VAL A 11 9.43 -3.48 5.33
N VAL A 12 8.47 -4.16 4.74
CA VAL A 12 7.14 -4.23 5.30
C VAL A 12 6.90 -5.60 5.92
N GLY A 13 7.70 -6.58 5.51
CA GLY A 13 7.58 -7.91 6.06
C GLY A 13 7.99 -7.96 7.51
N LYS A 14 8.73 -6.93 7.93
CA LYS A 14 9.21 -6.85 9.30
C LYS A 14 8.09 -6.47 10.27
N ASP A 15 7.08 -5.77 9.77
CA ASP A 15 6.00 -5.32 10.62
C ASP A 15 4.65 -5.73 10.03
N LYS A 16 4.62 -6.87 9.36
CA LYS A 16 3.39 -7.36 8.75
C LYS A 16 2.30 -7.69 9.77
N PRO A 17 2.62 -8.40 10.89
CA PRO A 17 1.62 -8.74 11.92
C PRO A 17 0.80 -7.52 12.36
N THR A 18 1.43 -6.36 12.40
CA THR A 18 0.76 -5.15 12.82
C THR A 18 -0.20 -4.64 11.75
N TYR A 19 0.26 -4.61 10.50
CA TYR A 19 -0.58 -4.11 9.41
C TYR A 19 -1.68 -5.12 9.11
N ASP A 20 -1.42 -6.36 9.47
CA ASP A 20 -2.38 -7.45 9.28
C ASP A 20 -3.49 -7.31 10.31
N GLU A 21 -3.10 -7.03 11.54
CA GLU A 21 -4.04 -6.81 12.63
C GLU A 21 -4.99 -5.66 12.27
N ILE A 22 -4.42 -4.57 11.77
CA ILE A 22 -5.21 -3.40 11.39
C ILE A 22 -6.11 -3.71 10.19
N PHE A 23 -5.52 -4.30 9.15
CA PHE A 23 -6.21 -4.65 7.92
C PHE A 23 -7.49 -5.44 8.20
N TYR A 24 -7.38 -6.45 9.06
CA TYR A 24 -8.49 -7.34 9.32
C TYR A 24 -9.58 -6.70 10.18
N THR A 25 -9.30 -5.54 10.78
CA THR A 25 -10.32 -4.85 11.57
C THR A 25 -11.10 -3.87 10.70
N LEU A 26 -10.81 -3.87 9.40
CA LEU A 26 -11.47 -2.97 8.48
C LEU A 26 -12.48 -3.75 7.64
N SER A 27 -12.64 -5.02 7.99
CA SER A 27 -13.58 -5.91 7.33
C SER A 27 -13.18 -6.17 5.87
N PRO A 28 -12.26 -7.11 5.65
CA PRO A 28 -11.76 -7.43 4.33
C PRO A 28 -12.54 -8.57 3.65
N VAL A 29 -13.23 -8.23 2.58
CA VAL A 29 -13.93 -9.23 1.79
C VAL A 29 -12.97 -9.78 0.73
N ASN A 30 -13.13 -11.07 0.39
CA ASN A 30 -12.21 -11.79 -0.52
C ASN A 30 -10.73 -11.60 -0.12
N GLY A 31 -10.50 -11.27 1.14
CA GLY A 31 -9.15 -11.09 1.63
C GLY A 31 -8.59 -9.73 1.25
N LYS A 32 -9.48 -8.76 1.13
CA LYS A 32 -9.10 -7.45 0.64
C LYS A 32 -10.08 -6.39 1.10
N ILE A 33 -9.59 -5.19 1.35
CA ILE A 33 -10.47 -4.10 1.74
C ILE A 33 -10.71 -3.16 0.57
N THR A 34 -11.80 -2.45 0.63
CA THR A 34 -12.18 -1.54 -0.43
C THR A 34 -11.59 -0.17 -0.18
N GLY A 35 -11.83 0.76 -1.11
CA GLY A 35 -11.37 2.12 -0.93
C GLY A 35 -12.05 2.82 0.24
N ALA A 36 -13.18 2.26 0.68
CA ALA A 36 -13.93 2.80 1.81
C ALA A 36 -13.17 2.62 3.12
N ASN A 37 -12.68 1.40 3.33
CA ASN A 37 -12.06 1.04 4.59
C ASN A 37 -10.70 1.68 4.72
N ALA A 38 -9.94 1.69 3.64
CA ALA A 38 -8.63 2.33 3.64
C ALA A 38 -8.80 3.84 3.62
N LYS A 39 -9.97 4.31 3.20
CA LYS A 39 -10.27 5.73 3.21
C LYS A 39 -10.39 6.21 4.65
N LYS A 40 -11.22 5.52 5.43
CA LYS A 40 -11.44 5.87 6.83
C LYS A 40 -10.13 5.73 7.62
N GLU A 41 -9.30 4.78 7.24
CA GLU A 41 -7.97 4.61 7.86
C GLU A 41 -7.14 5.87 7.62
N MET A 42 -7.02 6.25 6.37
CA MET A 42 -6.13 7.35 5.99
C MET A 42 -6.64 8.70 6.48
N VAL A 43 -7.96 8.87 6.52
CA VAL A 43 -8.53 10.14 6.98
C VAL A 43 -8.46 10.23 8.49
N LYS A 44 -8.29 9.07 9.13
CA LYS A 44 -8.09 9.01 10.58
C LYS A 44 -6.60 9.14 10.90
N SER A 45 -5.77 9.03 9.87
CA SER A 45 -4.34 9.23 10.02
C SER A 45 -3.97 10.71 9.85
N LYS A 46 -4.97 11.52 9.52
CA LYS A 46 -4.84 12.99 9.47
C LYS A 46 -3.93 13.44 8.34
N LEU A 47 -3.88 12.66 7.29
CA LEU A 47 -3.03 13.00 6.15
C LEU A 47 -3.85 13.66 5.04
N PRO A 48 -3.25 14.64 4.35
CA PRO A 48 -3.91 15.39 3.27
C PRO A 48 -4.32 14.51 2.09
N ASN A 49 -5.38 14.92 1.40
CA ASN A 49 -5.93 14.20 0.25
C ASN A 49 -4.87 13.97 -0.82
N THR A 50 -4.07 15.00 -1.09
CA THR A 50 -3.01 14.92 -2.10
C THR A 50 -2.04 13.79 -1.77
N VAL A 51 -1.49 13.81 -0.55
CA VAL A 51 -0.58 12.77 -0.09
C VAL A 51 -1.23 11.39 -0.17
N LEU A 52 -2.48 11.31 0.28
CA LEU A 52 -3.22 10.04 0.28
C LEU A 52 -3.43 9.53 -1.15
N GLY A 53 -3.65 10.45 -2.08
CA GLY A 53 -3.76 10.08 -3.47
C GLY A 53 -2.50 9.43 -3.98
N LYS A 54 -1.36 9.99 -3.60
CA LYS A 54 -0.05 9.46 -3.99
C LYS A 54 0.19 8.12 -3.32
N ILE A 55 -0.09 8.05 -2.01
CA ILE A 55 0.07 6.83 -1.24
C ILE A 55 -0.74 5.69 -1.86
N TRP A 56 -2.03 5.95 -2.09
CA TRP A 56 -2.93 4.93 -2.64
C TRP A 56 -2.46 4.47 -4.02
N LYS A 57 -2.25 5.42 -4.94
CA LYS A 57 -1.97 5.05 -6.33
C LYS A 57 -0.64 4.31 -6.46
N LEU A 58 0.24 4.53 -5.48
CA LEU A 58 1.56 3.94 -5.50
C LEU A 58 1.55 2.62 -4.74
N ALA A 59 0.82 2.58 -3.62
CA ALA A 59 0.73 1.38 -2.78
C ALA A 59 -0.05 0.29 -3.48
N ASP A 60 -1.12 0.67 -4.15
CA ASP A 60 -1.89 -0.29 -4.94
C ASP A 60 -1.11 -0.61 -6.21
N VAL A 61 -0.34 -1.69 -6.13
CA VAL A 61 0.56 -2.09 -7.20
C VAL A 61 -0.23 -2.55 -8.41
N ASP A 62 -1.15 -3.48 -8.16
CA ASP A 62 -1.95 -4.09 -9.21
C ASP A 62 -3.04 -3.16 -9.68
N LYS A 63 -3.37 -2.19 -8.83
CA LYS A 63 -4.38 -1.21 -9.13
C LYS A 63 -5.70 -1.87 -9.45
N ASP A 64 -6.24 -2.53 -8.45
CA ASP A 64 -7.47 -3.27 -8.56
C ASP A 64 -8.59 -2.55 -7.82
N GLY A 65 -8.29 -1.32 -7.41
CA GLY A 65 -9.27 -0.49 -6.73
C GLY A 65 -9.51 -0.94 -5.31
N LEU A 66 -8.65 -1.83 -4.86
CA LEU A 66 -8.76 -2.45 -3.55
C LEU A 66 -7.37 -2.65 -2.96
N LEU A 67 -7.30 -2.85 -1.66
CA LEU A 67 -6.03 -3.09 -1.00
C LEU A 67 -6.08 -4.40 -0.21
N ASP A 68 -5.27 -5.37 -0.62
CA ASP A 68 -5.11 -6.58 0.17
C ASP A 68 -4.20 -6.30 1.35
N ASP A 69 -3.88 -7.32 2.13
CA ASP A 69 -3.11 -7.13 3.36
C ASP A 69 -1.72 -6.60 3.05
N GLU A 70 -1.20 -6.92 1.88
CA GLU A 70 0.14 -6.49 1.51
C GLU A 70 0.13 -5.07 0.93
N GLU A 71 -0.90 -4.75 0.13
CA GLU A 71 -1.03 -3.40 -0.41
C GLU A 71 -1.39 -2.42 0.70
N PHE A 72 -2.22 -2.88 1.63
CA PHE A 72 -2.58 -2.08 2.79
C PHE A 72 -1.37 -1.86 3.68
N ALA A 73 -0.59 -2.94 3.86
CA ALA A 73 0.63 -2.88 4.64
C ALA A 73 1.61 -1.87 4.06
N LEU A 74 1.72 -1.88 2.73
CA LEU A 74 2.57 -0.93 2.02
C LEU A 74 2.09 0.49 2.29
N ALA A 75 0.78 0.69 2.15
CA ALA A 75 0.17 2.00 2.37
C ALA A 75 0.41 2.52 3.78
N ASN A 76 0.14 1.68 4.77
CA ASN A 76 0.32 2.06 6.17
C ASN A 76 1.79 2.32 6.48
N HIS A 77 2.67 1.57 5.84
CA HIS A 77 4.10 1.76 6.01
C HIS A 77 4.52 3.11 5.43
N LEU A 78 3.90 3.48 4.32
CA LEU A 78 4.15 4.79 3.69
C LEU A 78 3.67 5.91 4.59
N ILE A 79 2.53 5.70 5.23
CA ILE A 79 2.00 6.67 6.16
C ILE A 79 2.87 6.74 7.40
N LYS A 80 3.38 5.60 7.83
CA LYS A 80 4.28 5.54 8.97
C LYS A 80 5.55 6.33 8.69
N VAL A 81 6.16 6.13 7.51
CA VAL A 81 7.39 6.85 7.19
C VAL A 81 7.14 8.34 7.01
N LYS A 82 5.94 8.71 6.54
CA LYS A 82 5.52 10.10 6.56
C LYS A 82 5.58 10.66 7.98
N LEU A 83 5.07 9.87 8.93
CA LEU A 83 5.07 10.29 10.34
C LEU A 83 6.48 10.23 10.93
N GLU A 84 7.29 9.32 10.41
CA GLU A 84 8.69 9.21 10.80
C GLU A 84 9.47 10.43 10.37
N GLY A 85 8.95 11.15 9.39
CA GLY A 85 9.62 12.35 8.89
C GLY A 85 10.35 12.08 7.59
N HIS A 86 9.77 11.24 6.74
CA HIS A 86 10.38 10.91 5.45
C HIS A 86 9.37 11.14 4.34
N GLU A 87 9.87 11.49 3.16
CA GLU A 87 9.00 11.70 2.01
C GLU A 87 8.94 10.44 1.16
N LEU A 88 7.73 10.02 0.84
CA LEU A 88 7.54 8.90 -0.07
C LEU A 88 7.66 9.37 -1.51
N PRO A 89 8.41 8.63 -2.34
CA PRO A 89 8.73 9.03 -3.71
C PRO A 89 7.56 8.89 -4.69
N ALA A 90 6.40 8.48 -4.18
CA ALA A 90 5.22 8.23 -5.02
C ALA A 90 5.54 7.16 -6.07
N ASP A 91 6.55 6.35 -5.76
CA ASP A 91 7.10 5.39 -6.70
C ASP A 91 7.27 4.04 -6.02
N LEU A 92 7.41 2.99 -6.81
CA LEU A 92 7.57 1.64 -6.27
C LEU A 92 8.95 1.07 -6.56
N PRO A 93 9.89 1.24 -5.61
CA PRO A 93 11.19 0.56 -5.65
C PRO A 93 11.03 -0.96 -5.69
N PRO A 94 12.00 -1.67 -6.27
CA PRO A 94 11.93 -3.14 -6.43
C PRO A 94 11.85 -3.90 -5.11
N HIS A 95 12.06 -3.20 -3.99
CA HIS A 95 12.01 -3.84 -2.69
C HIS A 95 10.75 -3.41 -1.92
N LEU A 96 9.93 -2.58 -2.57
CA LEU A 96 8.71 -2.11 -1.96
C LEU A 96 7.49 -2.83 -2.54
N VAL A 97 7.72 -3.62 -3.57
CA VAL A 97 6.64 -4.30 -4.26
C VAL A 97 6.32 -5.62 -3.59
N PRO A 98 5.09 -5.77 -3.07
CA PRO A 98 4.61 -7.02 -2.47
C PRO A 98 4.72 -8.20 -3.45
N PRO A 99 5.16 -9.36 -2.96
CA PRO A 99 5.43 -10.53 -3.80
C PRO A 99 4.15 -11.18 -4.35
N SER A 100 3.00 -10.72 -3.90
CA SER A 100 1.73 -11.25 -4.41
C SER A 100 1.37 -10.55 -5.72
N LYS A 101 2.24 -9.64 -6.15
CA LYS A 101 2.05 -8.94 -7.41
C LYS A 101 3.22 -9.27 -8.33
N ARG A 102 3.75 -10.47 -8.18
CA ARG A 102 4.83 -10.95 -9.02
C ARG A 102 4.29 -11.92 -10.05
N ARG A 103 4.90 -11.92 -11.23
CA ARG A 103 4.55 -12.85 -12.28
C ARG A 103 5.81 -13.44 -12.89
N HIS A 104 5.75 -14.72 -13.25
CA HIS A 104 6.84 -15.33 -13.99
C HIS A 104 6.38 -15.62 -15.42
N GLU A 105 7.26 -15.31 -16.37
CA GLU A 105 6.97 -15.47 -17.80
C GLU A 105 5.77 -14.62 -18.21
N PHE B 1 -18.86 11.07 -20.19
CA PHE B 1 -19.89 10.00 -20.07
C PHE B 1 -19.42 8.90 -19.13
N ASN B 2 -18.16 8.49 -19.29
CA ASN B 2 -17.60 7.44 -18.46
C ASN B 2 -16.37 7.95 -17.73
N TYR B 3 -15.95 7.23 -16.69
CA TYR B 3 -14.78 7.62 -15.90
C TYR B 3 -14.22 6.40 -15.17
N GLU B 4 -13.04 6.57 -14.58
CA GLU B 4 -12.45 5.56 -13.72
C GLU B 4 -11.94 6.22 -12.44
N SER B 5 -12.55 5.88 -11.32
CA SER B 5 -12.11 6.39 -10.04
C SER B 5 -11.14 5.41 -9.39
N THR B 6 -9.91 5.38 -9.90
CA THR B 6 -8.90 4.46 -9.39
C THR B 6 -8.30 4.98 -8.09
N ASN B 7 -8.41 6.28 -7.87
CA ASN B 7 -7.97 6.89 -6.62
C ASN B 7 -9.15 7.56 -5.91
N PRO B 8 -9.63 6.94 -4.82
CA PRO B 8 -10.79 7.42 -4.07
C PRO B 8 -10.49 8.67 -3.25
N PHE B 9 -9.25 9.13 -3.29
CA PHE B 9 -8.83 10.26 -2.47
C PHE B 9 -8.76 11.54 -3.29
N THR B 10 -8.96 11.43 -4.60
CA THR B 10 -8.96 12.60 -5.46
C THR B 10 -10.13 12.57 -6.44
N ALA B 11 -11.16 13.37 -6.14
CA ALA B 11 -12.34 13.45 -6.98
C ALA B 11 -12.45 14.84 -7.61
N LYS B 12 -12.73 14.88 -8.90
CA LYS B 12 -12.90 16.15 -9.59
C LYS B 12 -14.38 16.49 -9.67
CA CA C . -4.47 -3.58 -5.51
N GLY A 1 25.28 -23.39 -15.47
CA GLY A 1 23.95 -22.75 -15.38
C GLY A 1 23.45 -22.69 -13.95
N PRO A 2 23.47 -21.50 -13.31
CA PRO A 2 23.01 -21.32 -11.95
C PRO A 2 21.50 -21.07 -11.87
N LEU A 3 20.94 -21.17 -10.67
CA LEU A 3 19.53 -20.91 -10.48
C LEU A 3 19.37 -19.55 -9.83
N GLY A 4 19.02 -18.56 -10.64
CA GLY A 4 18.96 -17.19 -10.17
C GLY A 4 17.61 -16.82 -9.62
N SER A 5 17.62 -16.09 -8.51
CA SER A 5 16.40 -15.58 -7.90
C SER A 5 16.74 -14.31 -7.11
N ASP A 6 15.74 -13.45 -6.90
CA ASP A 6 15.95 -12.23 -6.16
C ASP A 6 15.68 -12.41 -4.68
N ASP A 7 16.72 -12.23 -3.87
CA ASP A 7 16.55 -12.22 -2.43
C ASP A 7 16.38 -10.77 -1.97
N VAL A 8 15.18 -10.25 -2.21
CA VAL A 8 14.89 -8.86 -1.90
C VAL A 8 14.27 -8.74 -0.51
N GLU A 9 14.71 -7.74 0.23
CA GLU A 9 14.21 -7.53 1.58
C GLU A 9 13.06 -6.53 1.57
N TRP A 10 11.84 -7.03 1.71
CA TRP A 10 10.67 -6.17 1.77
C TRP A 10 10.53 -5.64 3.19
N VAL A 11 10.83 -4.36 3.36
CA VAL A 11 10.92 -3.74 4.68
C VAL A 11 9.56 -3.67 5.39
N VAL A 12 8.54 -4.14 4.72
CA VAL A 12 7.19 -4.14 5.26
C VAL A 12 6.90 -5.48 5.94
N GLY A 13 7.69 -6.48 5.60
CA GLY A 13 7.50 -7.80 6.18
C GLY A 13 7.91 -7.86 7.64
N LYS A 14 8.57 -6.82 8.12
CA LYS A 14 9.04 -6.80 9.49
C LYS A 14 7.99 -6.22 10.43
N ASP A 15 7.14 -5.35 9.91
CA ASP A 15 6.06 -4.78 10.71
C ASP A 15 4.74 -5.29 10.16
N LYS A 16 4.77 -6.51 9.67
CA LYS A 16 3.68 -7.08 8.91
C LYS A 16 2.47 -7.43 9.79
N PRO A 17 2.66 -8.17 10.92
CA PRO A 17 1.56 -8.56 11.82
C PRO A 17 0.71 -7.38 12.29
N THR A 18 1.32 -6.21 12.40
CA THR A 18 0.59 -5.01 12.82
C THR A 18 -0.36 -4.56 11.72
N TYR A 19 0.08 -4.66 10.47
CA TYR A 19 -0.76 -4.28 9.34
C TYR A 19 -1.88 -5.29 9.17
N ASP A 20 -1.68 -6.52 9.66
CA ASP A 20 -2.74 -7.53 9.69
C ASP A 20 -3.81 -7.12 10.69
N GLU A 21 -3.36 -6.69 11.86
CA GLU A 21 -4.26 -6.28 12.93
C GLU A 21 -5.18 -5.17 12.45
N ILE A 22 -4.62 -4.21 11.72
CA ILE A 22 -5.41 -3.09 11.21
C ILE A 22 -6.22 -3.49 9.98
N PHE A 23 -5.72 -4.46 9.22
CA PHE A 23 -6.37 -4.88 7.98
C PHE A 23 -7.66 -5.64 8.28
N TYR A 24 -7.58 -6.56 9.22
CA TYR A 24 -8.71 -7.41 9.57
C TYR A 24 -9.74 -6.67 10.41
N THR A 25 -9.38 -5.50 10.93
CA THR A 25 -10.31 -4.72 11.73
C THR A 25 -11.04 -3.69 10.87
N LEU A 26 -10.74 -3.70 9.57
CA LEU A 26 -11.36 -2.76 8.63
C LEU A 26 -12.31 -3.50 7.71
N SER A 27 -12.55 -4.77 8.03
CA SER A 27 -13.48 -5.62 7.30
C SER A 27 -12.97 -5.92 5.88
N PRO A 28 -12.06 -6.91 5.74
CA PRO A 28 -11.56 -7.34 4.45
C PRO A 28 -12.41 -8.46 3.84
N VAL A 29 -13.02 -8.18 2.70
CA VAL A 29 -13.80 -9.17 1.99
C VAL A 29 -12.90 -9.93 1.03
N ASN A 30 -13.04 -11.27 1.02
CA ASN A 30 -12.23 -12.18 0.19
C ASN A 30 -10.73 -11.86 0.27
N GLY A 31 -10.31 -11.26 1.38
CA GLY A 31 -8.90 -11.02 1.61
C GLY A 31 -8.45 -9.66 1.16
N LYS A 32 -9.40 -8.76 1.01
CA LYS A 32 -9.11 -7.43 0.52
C LYS A 32 -10.08 -6.42 1.08
N ILE A 33 -9.62 -5.22 1.35
CA ILE A 33 -10.51 -4.17 1.85
C ILE A 33 -10.88 -3.23 0.71
N THR A 34 -12.08 -2.67 0.80
CA THR A 34 -12.53 -1.73 -0.21
C THR A 34 -11.87 -0.38 0.00
N GLY A 35 -11.99 0.49 -1.00
CA GLY A 35 -11.40 1.82 -0.88
C GLY A 35 -11.94 2.59 0.31
N ALA A 36 -13.20 2.33 0.63
CA ALA A 36 -13.87 2.95 1.77
C ALA A 36 -13.04 2.86 3.04
N ASN A 37 -12.68 1.64 3.42
CA ASN A 37 -12.07 1.36 4.72
C ASN A 37 -10.66 1.93 4.80
N ALA A 38 -9.92 1.76 3.73
CA ALA A 38 -8.55 2.24 3.68
C ALA A 38 -8.52 3.76 3.59
N LYS A 39 -9.52 4.32 2.91
CA LYS A 39 -9.64 5.77 2.78
C LYS A 39 -9.87 6.42 4.14
N LYS A 40 -10.87 5.91 4.85
CA LYS A 40 -11.19 6.46 6.17
C LYS A 40 -10.01 6.25 7.13
N GLU A 41 -9.28 5.16 6.96
CA GLU A 41 -8.09 4.91 7.77
C GLU A 41 -7.05 6.00 7.53
N MET A 42 -6.93 6.43 6.29
CA MET A 42 -5.98 7.46 5.95
C MET A 42 -6.47 8.85 6.36
N VAL A 43 -7.79 9.01 6.54
CA VAL A 43 -8.31 10.30 6.99
C VAL A 43 -8.17 10.46 8.49
N LYS A 44 -8.07 9.36 9.21
CA LYS A 44 -7.71 9.42 10.62
C LYS A 44 -6.20 9.41 10.79
N SER A 45 -5.50 9.12 9.69
CA SER A 45 -4.06 9.30 9.65
C SER A 45 -3.71 10.79 9.66
N LYS A 46 -4.71 11.62 9.35
CA LYS A 46 -4.62 13.07 9.48
C LYS A 46 -3.66 13.66 8.46
N LEU A 47 -3.45 12.95 7.37
CA LEU A 47 -2.55 13.39 6.33
C LEU A 47 -3.33 14.01 5.18
N PRO A 48 -2.71 14.93 4.42
CA PRO A 48 -3.35 15.59 3.28
C PRO A 48 -3.83 14.58 2.23
N ASN A 49 -4.99 14.86 1.64
CA ASN A 49 -5.64 13.94 0.71
C ASN A 49 -4.74 13.65 -0.49
N THR A 50 -3.98 14.64 -0.90
CA THR A 50 -3.05 14.50 -2.01
C THR A 50 -2.04 13.39 -1.75
N VAL A 51 -1.45 13.42 -0.56
CA VAL A 51 -0.51 12.39 -0.13
C VAL A 51 -1.19 11.04 -0.03
N LEU A 52 -2.41 11.04 0.50
CA LEU A 52 -3.19 9.81 0.63
C LEU A 52 -3.40 9.17 -0.73
N GLY A 53 -3.79 9.99 -1.70
CA GLY A 53 -3.97 9.52 -3.06
C GLY A 53 -2.69 8.95 -3.64
N LYS A 54 -1.57 9.58 -3.32
CA LYS A 54 -0.28 9.14 -3.80
C LYS A 54 0.11 7.81 -3.16
N ILE A 55 -0.18 7.70 -1.87
CA ILE A 55 0.09 6.48 -1.11
C ILE A 55 -0.77 5.33 -1.64
N TRP A 56 -2.01 5.65 -1.99
CA TRP A 56 -2.90 4.65 -2.58
C TRP A 56 -2.33 4.14 -3.90
N LYS A 57 -1.87 5.06 -4.75
CA LYS A 57 -1.29 4.68 -6.04
C LYS A 57 -0.07 3.78 -5.84
N LEU A 58 0.68 4.06 -4.79
CA LEU A 58 1.85 3.25 -4.44
C LEU A 58 1.43 1.88 -3.93
N ALA A 59 0.39 1.88 -3.10
CA ALA A 59 -0.06 0.67 -2.45
C ALA A 59 -0.79 -0.26 -3.42
N ASP A 60 -1.66 0.31 -4.25
CA ASP A 60 -2.47 -0.47 -5.17
C ASP A 60 -1.68 -0.76 -6.44
N VAL A 61 -0.85 -1.79 -6.36
CA VAL A 61 0.04 -2.16 -7.46
C VAL A 61 -0.75 -2.73 -8.62
N ASP A 62 -1.69 -3.59 -8.29
CA ASP A 62 -2.51 -4.26 -9.31
C ASP A 62 -3.54 -3.31 -9.88
N LYS A 63 -3.79 -2.23 -9.16
CA LYS A 63 -4.77 -1.24 -9.55
C LYS A 63 -6.15 -1.87 -9.69
N ASP A 64 -6.60 -2.50 -8.62
CA ASP A 64 -7.89 -3.19 -8.64
C ASP A 64 -8.94 -2.42 -7.85
N GLY A 65 -8.60 -1.19 -7.47
CA GLY A 65 -9.55 -0.33 -6.77
C GLY A 65 -9.80 -0.78 -5.35
N LEU A 66 -8.98 -1.72 -4.90
CA LEU A 66 -9.10 -2.29 -3.58
C LEU A 66 -7.71 -2.47 -3.01
N LEU A 67 -7.59 -2.45 -1.69
CA LEU A 67 -6.29 -2.69 -1.09
C LEU A 67 -6.19 -4.12 -0.61
N ASP A 68 -5.36 -4.89 -1.30
CA ASP A 68 -5.04 -6.24 -0.90
C ASP A 68 -4.19 -6.19 0.36
N ASP A 69 -3.93 -7.32 0.97
CA ASP A 69 -3.15 -7.39 2.19
C ASP A 69 -1.76 -6.80 1.99
N GLU A 70 -1.13 -7.13 0.86
CA GLU A 70 0.17 -6.59 0.52
C GLU A 70 0.08 -5.08 0.37
N GLU A 71 -0.98 -4.66 -0.31
CA GLU A 71 -1.17 -3.26 -0.66
C GLU A 71 -1.44 -2.42 0.58
N PHE A 72 -2.22 -2.98 1.50
CA PHE A 72 -2.56 -2.28 2.72
C PHE A 72 -1.32 -2.13 3.60
N ALA A 73 -0.54 -3.20 3.69
CA ALA A 73 0.69 -3.20 4.47
C ALA A 73 1.63 -2.13 3.96
N LEU A 74 1.77 -2.05 2.65
CA LEU A 74 2.60 -1.04 2.02
C LEU A 74 2.07 0.35 2.34
N ALA A 75 0.76 0.50 2.22
CA ALA A 75 0.10 1.77 2.46
C ALA A 75 0.37 2.28 3.87
N ASN A 76 0.22 1.40 4.85
CA ASN A 76 0.40 1.77 6.25
C ASN A 76 1.86 2.09 6.55
N HIS A 77 2.77 1.45 5.82
CA HIS A 77 4.19 1.73 5.98
C HIS A 77 4.51 3.13 5.48
N LEU A 78 3.85 3.52 4.39
CA LEU A 78 3.98 4.88 3.85
C LEU A 78 3.35 5.89 4.79
N ILE A 79 2.25 5.50 5.42
CA ILE A 79 1.62 6.32 6.45
C ILE A 79 2.60 6.56 7.59
N LYS A 80 3.29 5.50 7.99
CA LYS A 80 4.22 5.57 9.10
C LYS A 80 5.38 6.51 8.78
N VAL A 81 5.98 6.37 7.60
CA VAL A 81 7.12 7.22 7.25
C VAL A 81 6.70 8.70 7.15
N LYS A 82 5.50 8.96 6.65
CA LYS A 82 4.92 10.31 6.71
C LYS A 82 4.86 10.81 8.15
N LEU A 83 4.45 9.96 9.08
CA LEU A 83 4.35 10.34 10.48
C LEU A 83 5.73 10.51 11.10
N GLU A 84 6.68 9.70 10.65
CA GLU A 84 8.05 9.77 11.11
C GLU A 84 8.71 11.06 10.62
N GLY A 85 8.07 11.71 9.66
CA GLY A 85 8.61 12.95 9.12
C GLY A 85 9.56 12.71 7.97
N HIS A 86 9.50 11.51 7.40
CA HIS A 86 10.39 11.15 6.31
C HIS A 86 9.64 11.20 4.98
N GLU A 87 10.38 11.22 3.88
CA GLU A 87 9.80 11.39 2.57
C GLU A 87 9.39 10.06 1.94
N LEU A 88 8.25 10.07 1.27
CA LEU A 88 7.88 8.99 0.38
C LEU A 88 7.93 9.53 -1.04
N PRO A 89 8.67 8.86 -1.94
CA PRO A 89 9.04 9.43 -3.23
C PRO A 89 7.89 9.49 -4.23
N ALA A 90 6.82 8.75 -3.94
CA ALA A 90 5.72 8.53 -4.88
C ALA A 90 6.19 7.65 -6.02
N ASP A 91 7.29 6.94 -5.78
CA ASP A 91 7.83 5.98 -6.71
C ASP A 91 7.96 4.64 -6.01
N LEU A 92 7.98 3.56 -6.76
CA LEU A 92 8.08 2.23 -6.17
C LEU A 92 9.36 1.52 -6.58
N PRO A 93 10.41 1.60 -5.74
CA PRO A 93 11.65 0.86 -5.94
C PRO A 93 11.42 -0.66 -5.84
N PRO A 94 12.29 -1.45 -6.49
CA PRO A 94 12.16 -2.93 -6.53
C PRO A 94 12.00 -3.57 -5.16
N HIS A 95 12.52 -2.91 -4.12
CA HIS A 95 12.47 -3.48 -2.78
C HIS A 95 11.23 -3.01 -2.01
N LEU A 96 10.23 -2.52 -2.74
CA LEU A 96 8.95 -2.18 -2.13
C LEU A 96 7.78 -2.80 -2.90
N VAL A 97 8.12 -3.59 -3.92
CA VAL A 97 7.10 -4.20 -4.77
C VAL A 97 6.64 -5.53 -4.20
N PRO A 98 5.35 -5.62 -3.83
CA PRO A 98 4.73 -6.85 -3.33
C PRO A 98 4.98 -8.03 -4.27
N PRO A 99 5.37 -9.19 -3.71
CA PRO A 99 5.78 -10.35 -4.50
C PRO A 99 4.63 -11.03 -5.24
N SER A 100 3.38 -10.81 -4.79
CA SER A 100 2.25 -11.51 -5.37
C SER A 100 1.69 -10.74 -6.56
N LYS A 101 2.42 -9.70 -6.97
CA LYS A 101 2.09 -8.98 -8.19
C LYS A 101 3.19 -9.20 -9.22
N ARG A 102 4.15 -10.04 -8.84
CA ARG A 102 5.24 -10.40 -9.72
C ARG A 102 5.10 -11.86 -10.13
N ARG A 103 5.53 -12.18 -11.35
CA ARG A 103 5.60 -13.56 -11.78
C ARG A 103 6.52 -14.33 -10.84
N HIS A 104 6.01 -15.39 -10.26
CA HIS A 104 6.72 -16.09 -9.22
C HIS A 104 7.14 -17.49 -9.66
N GLU A 105 8.44 -17.64 -9.92
CA GLU A 105 9.02 -18.90 -10.37
C GLU A 105 8.46 -19.33 -11.71
N PHE B 1 -12.26 7.74 -19.46
CA PHE B 1 -11.81 8.73 -20.46
C PHE B 1 -10.92 9.79 -19.80
N ASN B 2 -11.49 10.54 -18.86
CA ASN B 2 -10.72 11.53 -18.12
C ASN B 2 -9.79 10.84 -17.12
N TYR B 3 -10.38 10.13 -16.17
CA TYR B 3 -9.62 9.39 -15.17
C TYR B 3 -10.55 8.38 -14.52
N GLU B 4 -10.31 7.11 -14.81
CA GLU B 4 -11.17 6.04 -14.33
C GLU B 4 -11.00 5.90 -12.82
N SER B 5 -12.12 5.69 -12.12
CA SER B 5 -12.11 5.60 -10.66
C SER B 5 -11.26 4.41 -10.20
N THR B 6 -10.03 4.70 -9.82
CA THR B 6 -9.11 3.68 -9.34
C THR B 6 -8.49 4.13 -8.02
N ASN B 7 -8.91 5.29 -7.54
CA ASN B 7 -8.44 5.86 -6.29
C ASN B 7 -9.58 6.63 -5.63
N PRO B 8 -10.09 6.13 -4.49
CA PRO B 8 -11.25 6.72 -3.81
C PRO B 8 -10.98 8.10 -3.21
N PHE B 9 -9.71 8.47 -3.11
CA PHE B 9 -9.33 9.74 -2.50
C PHE B 9 -9.63 10.92 -3.39
N THR B 10 -9.46 10.74 -4.70
CA THR B 10 -9.72 11.81 -5.64
C THR B 10 -9.83 11.26 -7.07
N ALA B 11 -11.04 10.81 -7.41
CA ALA B 11 -11.32 10.27 -8.74
C ALA B 11 -12.47 11.01 -9.39
N LYS B 12 -12.68 12.25 -8.98
CA LYS B 12 -13.73 13.08 -9.55
C LYS B 12 -13.13 14.37 -10.08
CA CA C . -4.99 -3.52 -5.51
N GLY A 1 25.65 -20.94 -8.65
CA GLY A 1 25.92 -19.56 -8.18
C GLY A 1 26.66 -19.54 -6.85
N PRO A 2 27.33 -18.43 -6.51
CA PRO A 2 28.08 -18.31 -5.26
C PRO A 2 27.15 -18.25 -4.06
N LEU A 3 26.34 -17.20 -4.00
CA LEU A 3 25.39 -17.01 -2.92
C LEU A 3 24.10 -16.41 -3.48
N GLY A 4 24.26 -15.33 -4.21
CA GLY A 4 23.15 -14.62 -4.79
C GLY A 4 23.50 -13.17 -5.02
N SER A 5 23.50 -12.76 -6.27
CA SER A 5 23.88 -11.39 -6.61
C SER A 5 22.93 -10.38 -5.99
N ASP A 6 21.64 -10.56 -6.24
CA ASP A 6 20.63 -9.63 -5.76
C ASP A 6 19.66 -10.31 -4.82
N ASP A 7 19.93 -10.24 -3.52
CA ASP A 7 18.98 -10.72 -2.53
C ASP A 7 18.32 -9.51 -1.86
N VAL A 8 17.02 -9.36 -2.12
CA VAL A 8 16.29 -8.18 -1.69
C VAL A 8 15.36 -8.51 -0.51
N GLU A 9 15.32 -7.62 0.47
CA GLU A 9 14.45 -7.79 1.63
C GLU A 9 13.33 -6.75 1.63
N TRP A 10 12.13 -7.19 1.95
CA TRP A 10 10.99 -6.28 2.06
C TRP A 10 10.82 -5.85 3.51
N VAL A 11 11.14 -4.58 3.78
CA VAL A 11 11.15 -4.06 5.16
C VAL A 11 9.77 -4.04 5.77
N VAL A 12 8.75 -4.11 4.94
CA VAL A 12 7.37 -4.12 5.41
C VAL A 12 7.03 -5.48 6.01
N GLY A 13 7.83 -6.48 5.67
CA GLY A 13 7.66 -7.80 6.26
C GLY A 13 8.06 -7.83 7.71
N LYS A 14 8.76 -6.79 8.16
CA LYS A 14 9.24 -6.71 9.53
C LYS A 14 8.12 -6.32 10.47
N ASP A 15 7.17 -5.57 9.94
CA ASP A 15 6.06 -5.06 10.73
C ASP A 15 4.75 -5.39 10.05
N LYS A 16 4.72 -6.53 9.39
CA LYS A 16 3.58 -6.94 8.58
C LYS A 16 2.38 -7.36 9.44
N PRO A 17 2.57 -8.22 10.48
CA PRO A 17 1.47 -8.68 11.35
C PRO A 17 0.65 -7.54 11.93
N THR A 18 1.28 -6.39 12.15
CA THR A 18 0.60 -5.25 12.69
C THR A 18 -0.35 -4.64 11.65
N TYR A 19 0.14 -4.51 10.42
CA TYR A 19 -0.68 -3.98 9.34
C TYR A 19 -1.77 -4.97 8.98
N ASP A 20 -1.52 -6.24 9.31
CA ASP A 20 -2.49 -7.31 9.07
C ASP A 20 -3.63 -7.19 10.07
N GLU A 21 -3.26 -6.95 11.32
CA GLU A 21 -4.23 -6.78 12.40
C GLU A 21 -5.16 -5.59 12.12
N ILE A 22 -4.57 -4.50 11.64
CA ILE A 22 -5.35 -3.31 11.29
C ILE A 22 -6.21 -3.58 10.04
N PHE A 23 -5.66 -4.38 9.14
CA PHE A 23 -6.29 -4.65 7.86
C PHE A 23 -7.62 -5.38 8.05
N TYR A 24 -7.60 -6.42 8.85
CA TYR A 24 -8.77 -7.26 9.04
C TYR A 24 -9.87 -6.57 9.82
N THR A 25 -9.53 -5.54 10.59
CA THR A 25 -10.53 -4.83 11.38
C THR A 25 -11.33 -3.85 10.51
N LEU A 26 -10.99 -3.78 9.22
CA LEU A 26 -11.67 -2.87 8.31
C LEU A 26 -12.63 -3.64 7.38
N SER A 27 -12.79 -4.94 7.67
CA SER A 27 -13.68 -5.81 6.90
C SER A 27 -13.23 -5.93 5.44
N PRO A 28 -12.38 -6.92 5.15
CA PRO A 28 -11.86 -7.13 3.81
C PRO A 28 -12.79 -7.97 2.93
N VAL A 29 -13.27 -7.37 1.86
CA VAL A 29 -14.12 -8.04 0.90
C VAL A 29 -13.28 -8.65 -0.22
N ASN A 30 -13.48 -9.95 -0.47
CA ASN A 30 -12.66 -10.71 -1.42
C ASN A 30 -11.22 -10.78 -0.91
N GLY A 31 -11.05 -10.57 0.38
CA GLY A 31 -9.73 -10.57 0.97
C GLY A 31 -9.03 -9.23 0.82
N LYS A 32 -9.74 -8.25 0.26
CA LYS A 32 -9.20 -6.90 0.10
C LYS A 32 -10.13 -5.88 0.72
N ILE A 33 -9.58 -4.85 1.32
CA ILE A 33 -10.41 -3.80 1.87
C ILE A 33 -10.78 -2.80 0.79
N THR A 34 -11.99 -2.29 0.88
CA THR A 34 -12.49 -1.32 -0.06
C THR A 34 -11.87 0.05 0.19
N GLY A 35 -11.97 0.92 -0.81
CA GLY A 35 -11.44 2.26 -0.66
C GLY A 35 -12.04 2.99 0.53
N ALA A 36 -13.30 2.66 0.85
CA ALA A 36 -14.00 3.27 1.97
C ALA A 36 -13.23 3.16 3.29
N ASN A 37 -12.84 1.94 3.62
CA ASN A 37 -12.25 1.68 4.93
C ASN A 37 -10.78 2.07 4.97
N ALA A 38 -10.07 1.89 3.87
CA ALA A 38 -8.70 2.35 3.79
C ALA A 38 -8.66 3.88 3.78
N LYS A 39 -9.75 4.48 3.29
CA LYS A 39 -9.89 5.92 3.24
C LYS A 39 -9.99 6.50 4.63
N LYS A 40 -10.97 5.99 5.39
CA LYS A 40 -11.19 6.46 6.74
C LYS A 40 -9.93 6.29 7.59
N GLU A 41 -9.23 5.18 7.39
CA GLU A 41 -8.01 4.90 8.13
C GLU A 41 -6.96 5.96 7.83
N MET A 42 -6.81 6.28 6.54
CA MET A 42 -5.84 7.28 6.12
C MET A 42 -6.28 8.67 6.61
N VAL A 43 -7.57 8.85 6.77
CA VAL A 43 -8.12 10.09 7.31
C VAL A 43 -7.78 10.19 8.80
N LYS A 44 -7.84 9.06 9.48
CA LYS A 44 -7.47 8.99 10.88
C LYS A 44 -5.96 9.13 11.06
N SER A 45 -5.23 9.00 9.95
CA SER A 45 -3.79 9.24 9.96
C SER A 45 -3.49 10.74 9.88
N LYS A 46 -4.53 11.52 9.53
CA LYS A 46 -4.44 12.98 9.45
C LYS A 46 -3.61 13.45 8.26
N LEU A 47 -3.43 12.57 7.28
CA LEU A 47 -2.67 12.93 6.10
C LEU A 47 -3.58 13.57 5.05
N PRO A 48 -3.04 14.56 4.31
CA PRO A 48 -3.78 15.26 3.24
C PRO A 48 -4.23 14.32 2.13
N ASN A 49 -5.33 14.68 1.48
CA ASN A 49 -5.92 13.85 0.42
C ASN A 49 -4.93 13.63 -0.72
N THR A 50 -4.10 14.63 -0.98
CA THR A 50 -3.10 14.53 -2.03
C THR A 50 -2.13 13.38 -1.74
N VAL A 51 -1.59 13.37 -0.53
CA VAL A 51 -0.65 12.35 -0.11
C VAL A 51 -1.33 10.97 -0.06
N LEU A 52 -2.57 10.96 0.41
CA LEU A 52 -3.34 9.73 0.46
C LEU A 52 -3.56 9.15 -0.94
N GLY A 53 -3.84 10.03 -1.89
CA GLY A 53 -3.99 9.61 -3.27
C GLY A 53 -2.72 9.01 -3.82
N LYS A 54 -1.60 9.63 -3.50
CA LYS A 54 -0.29 9.13 -3.88
C LYS A 54 -0.08 7.72 -3.33
N ILE A 55 -0.33 7.57 -2.04
CA ILE A 55 -0.11 6.31 -1.35
C ILE A 55 -1.05 5.22 -1.88
N TRP A 56 -2.29 5.59 -2.19
CA TRP A 56 -3.24 4.65 -2.79
C TRP A 56 -2.72 4.18 -4.15
N LYS A 57 -2.32 5.13 -5.00
CA LYS A 57 -1.91 4.82 -6.35
C LYS A 57 -0.66 3.95 -6.37
N LEU A 58 0.12 4.03 -5.30
CA LEU A 58 1.33 3.23 -5.18
C LEU A 58 1.04 1.88 -4.54
N ALA A 59 0.31 1.91 -3.43
CA ALA A 59 0.07 0.71 -2.64
C ALA A 59 -0.76 -0.30 -3.41
N ASP A 60 -1.69 0.19 -4.21
CA ASP A 60 -2.47 -0.68 -5.07
C ASP A 60 -1.64 -1.02 -6.31
N VAL A 61 -0.77 -2.02 -6.16
CA VAL A 61 0.16 -2.39 -7.22
C VAL A 61 -0.58 -3.05 -8.36
N ASP A 62 -1.54 -3.90 -8.00
CA ASP A 62 -2.30 -4.64 -9.00
C ASP A 62 -3.41 -3.78 -9.56
N LYS A 63 -3.72 -2.72 -8.84
CA LYS A 63 -4.67 -1.71 -9.27
C LYS A 63 -6.04 -2.34 -9.50
N ASP A 64 -6.57 -2.92 -8.45
CA ASP A 64 -7.85 -3.61 -8.50
C ASP A 64 -8.91 -2.80 -7.78
N GLY A 65 -8.55 -1.58 -7.41
CA GLY A 65 -9.47 -0.70 -6.71
C GLY A 65 -9.65 -1.12 -5.26
N LEU A 66 -8.82 -2.06 -4.84
CA LEU A 66 -8.88 -2.60 -3.49
C LEU A 66 -7.47 -2.79 -2.94
N LEU A 67 -7.35 -3.04 -1.66
CA LEU A 67 -6.05 -3.27 -1.05
C LEU A 67 -6.04 -4.60 -0.31
N ASP A 68 -5.21 -5.54 -0.77
CA ASP A 68 -5.01 -6.77 -0.01
C ASP A 68 -4.06 -6.49 1.14
N ASP A 69 -3.80 -7.50 1.97
CA ASP A 69 -3.02 -7.32 3.20
C ASP A 69 -1.60 -6.82 2.91
N GLU A 70 -1.07 -7.11 1.73
CA GLU A 70 0.26 -6.63 1.36
C GLU A 70 0.20 -5.19 0.89
N GLU A 71 -0.84 -4.87 0.12
CA GLU A 71 -1.00 -3.52 -0.42
C GLU A 71 -1.31 -2.57 0.73
N PHE A 72 -2.07 -3.05 1.71
CA PHE A 72 -2.40 -2.25 2.87
C PHE A 72 -1.19 -2.14 3.79
N ALA A 73 -0.37 -3.19 3.82
CA ALA A 73 0.85 -3.18 4.61
C ALA A 73 1.78 -2.10 4.11
N LEU A 74 1.91 -2.03 2.78
CA LEU A 74 2.71 -1.01 2.14
C LEU A 74 2.14 0.37 2.45
N ALA A 75 0.82 0.48 2.36
CA ALA A 75 0.14 1.74 2.64
C ALA A 75 0.47 2.23 4.04
N ASN A 76 0.34 1.35 5.02
CA ASN A 76 0.62 1.69 6.41
C ASN A 76 2.06 2.11 6.59
N HIS A 77 2.98 1.44 5.89
CA HIS A 77 4.39 1.76 6.01
C HIS A 77 4.69 3.12 5.39
N LEU A 78 4.03 3.41 4.28
CA LEU A 78 4.21 4.69 3.60
C LEU A 78 3.66 5.83 4.45
N ILE A 79 2.54 5.59 5.12
CA ILE A 79 1.98 6.57 6.02
C ILE A 79 2.86 6.70 7.27
N LYS A 80 3.47 5.59 7.66
CA LYS A 80 4.41 5.58 8.78
C LYS A 80 5.55 6.53 8.52
N VAL A 81 6.22 6.38 7.38
CA VAL A 81 7.35 7.25 7.04
C VAL A 81 6.91 8.70 6.87
N LYS A 82 5.69 8.91 6.35
CA LYS A 82 5.06 10.23 6.39
C LYS A 82 5.02 10.79 7.82
N LEU A 83 4.56 9.96 8.75
CA LEU A 83 4.44 10.38 10.16
C LEU A 83 5.81 10.53 10.80
N GLU A 84 6.80 9.86 10.22
CA GLU A 84 8.18 9.94 10.69
C GLU A 84 8.80 11.28 10.26
N GLY A 85 8.05 12.08 9.51
CA GLY A 85 8.55 13.37 9.07
C GLY A 85 9.34 13.25 7.78
N HIS A 86 8.91 12.35 6.91
CA HIS A 86 9.61 12.13 5.64
C HIS A 86 8.63 12.14 4.48
N GLU A 87 9.17 12.11 3.27
CA GLU A 87 8.36 12.03 2.07
C GLU A 87 8.74 10.79 1.27
N LEU A 88 7.77 9.93 1.04
CA LEU A 88 7.95 8.82 0.10
C LEU A 88 8.23 9.38 -1.30
N PRO A 89 9.06 8.67 -2.09
CA PRO A 89 9.51 9.15 -3.40
C PRO A 89 8.41 9.12 -4.46
N ALA A 90 7.20 8.79 -4.03
CA ALA A 90 6.03 8.73 -4.90
C ALA A 90 6.21 7.70 -6.03
N ASP A 91 7.17 6.81 -5.84
CA ASP A 91 7.43 5.73 -6.79
C ASP A 91 7.65 4.43 -6.03
N LEU A 92 7.63 3.31 -6.75
CA LEU A 92 7.87 2.02 -6.12
C LEU A 92 9.15 1.37 -6.63
N PRO A 93 10.27 1.59 -5.92
CA PRO A 93 11.52 0.86 -6.17
C PRO A 93 11.38 -0.63 -5.80
N PRO A 94 12.33 -1.48 -6.24
CA PRO A 94 12.28 -2.94 -6.04
C PRO A 94 12.35 -3.38 -4.57
N HIS A 95 12.37 -2.43 -3.64
CA HIS A 95 12.35 -2.77 -2.22
C HIS A 95 11.06 -2.31 -1.54
N LEU A 96 10.13 -1.81 -2.35
CA LEU A 96 8.82 -1.40 -1.83
C LEU A 96 7.71 -2.25 -2.40
N VAL A 97 7.87 -2.66 -3.65
CA VAL A 97 6.89 -3.56 -4.27
C VAL A 97 7.09 -4.98 -3.75
N PRO A 98 6.08 -5.50 -3.03
CA PRO A 98 6.15 -6.83 -2.42
C PRO A 98 6.18 -7.94 -3.46
N PRO A 99 6.78 -9.10 -3.11
CA PRO A 99 6.80 -10.29 -3.96
C PRO A 99 5.39 -10.81 -4.23
N SER A 100 4.42 -10.26 -3.50
CA SER A 100 3.02 -10.59 -3.67
C SER A 100 2.55 -10.11 -5.03
N LYS A 101 3.29 -9.17 -5.61
CA LYS A 101 2.95 -8.63 -6.92
C LYS A 101 4.00 -9.01 -7.95
N ARG A 102 4.54 -10.21 -7.79
CA ARG A 102 5.41 -10.78 -8.80
C ARG A 102 4.64 -11.83 -9.60
N ARG A 103 4.66 -11.72 -10.92
CA ARG A 103 3.90 -12.64 -11.76
C ARG A 103 4.63 -13.97 -11.88
N HIS A 104 4.06 -14.98 -11.26
CA HIS A 104 4.59 -16.34 -11.34
C HIS A 104 3.45 -17.31 -11.64
N GLU A 105 3.46 -17.87 -12.84
CA GLU A 105 2.47 -18.86 -13.20
C GLU A 105 2.90 -20.22 -12.68
N PHE B 1 1.76 8.67 -14.56
CA PHE B 1 1.22 7.79 -15.62
C PHE B 1 -0.31 7.77 -15.57
N ASN B 2 -0.86 6.91 -14.71
CA ASN B 2 -2.31 6.84 -14.54
C ASN B 2 -2.79 8.00 -13.72
N TYR B 3 -3.72 8.77 -14.27
CA TYR B 3 -4.28 9.92 -13.58
C TYR B 3 -5.18 9.49 -12.43
N GLU B 4 -5.64 10.45 -11.63
CA GLU B 4 -6.46 10.13 -10.48
C GLU B 4 -7.94 10.19 -10.82
N SER B 5 -8.49 9.04 -11.19
CA SER B 5 -9.91 8.92 -11.45
C SER B 5 -10.46 7.71 -10.69
N THR B 6 -9.71 6.62 -10.74
CA THR B 6 -10.07 5.39 -10.06
C THR B 6 -9.57 5.40 -8.61
N ASN B 7 -9.13 6.57 -8.16
CA ASN B 7 -8.64 6.73 -6.79
C ASN B 7 -9.75 7.31 -5.91
N PRO B 8 -10.16 6.57 -4.87
CA PRO B 8 -11.25 6.98 -3.96
C PRO B 8 -10.92 8.25 -3.17
N PHE B 9 -9.64 8.62 -3.12
CA PHE B 9 -9.23 9.78 -2.33
C PHE B 9 -9.46 11.09 -3.11
N THR B 10 -9.61 10.97 -4.41
CA THR B 10 -9.90 12.12 -5.25
C THR B 10 -10.53 11.65 -6.58
N ALA B 11 -11.76 12.04 -6.82
CA ALA B 11 -12.52 11.52 -7.95
C ALA B 11 -13.11 12.63 -8.81
N LYS B 12 -13.80 12.22 -9.88
CA LYS B 12 -14.40 13.15 -10.82
C LYS B 12 -15.91 13.22 -10.60
CA CA C . -4.83 -3.88 -5.36
N GLY A 1 27.75 -21.07 -7.23
CA GLY A 1 28.83 -20.25 -7.82
C GLY A 1 28.42 -18.80 -7.97
N PRO A 2 29.21 -18.01 -8.71
CA PRO A 2 28.95 -16.58 -8.90
C PRO A 2 27.69 -16.31 -9.71
N LEU A 3 27.07 -15.16 -9.47
CA LEU A 3 25.86 -14.73 -10.18
C LEU A 3 24.67 -15.57 -9.78
N GLY A 4 23.85 -15.04 -8.89
CA GLY A 4 22.66 -15.73 -8.47
C GLY A 4 21.43 -14.85 -8.48
N SER A 5 20.41 -15.26 -7.76
CA SER A 5 19.21 -14.46 -7.62
C SER A 5 19.05 -14.04 -6.17
N ASP A 6 19.16 -12.75 -5.92
CA ASP A 6 19.12 -12.23 -4.56
C ASP A 6 17.69 -12.21 -4.03
N ASP A 7 17.51 -12.74 -2.83
CA ASP A 7 16.25 -12.67 -2.14
C ASP A 7 16.08 -11.29 -1.53
N VAL A 8 15.16 -10.52 -2.10
CA VAL A 8 15.02 -9.12 -1.74
C VAL A 8 14.31 -8.94 -0.39
N GLU A 9 14.73 -7.93 0.35
CA GLU A 9 14.16 -7.65 1.65
C GLU A 9 12.89 -6.79 1.49
N TRP A 10 11.73 -7.41 1.58
CA TRP A 10 10.50 -6.66 1.58
C TRP A 10 10.32 -6.04 2.96
N VAL A 11 10.74 -4.78 3.10
CA VAL A 11 10.74 -4.08 4.38
C VAL A 11 9.41 -4.18 5.11
N VAL A 12 8.34 -4.21 4.34
CA VAL A 12 7.00 -4.24 4.90
C VAL A 12 6.70 -5.56 5.57
N GLY A 13 7.49 -6.57 5.23
CA GLY A 13 7.31 -7.87 5.83
C GLY A 13 7.69 -7.90 7.29
N LYS A 14 8.41 -6.88 7.75
CA LYS A 14 8.86 -6.86 9.13
C LYS A 14 7.82 -6.21 10.03
N ASP A 15 7.04 -5.28 9.48
CA ASP A 15 5.99 -4.63 10.24
C ASP A 15 4.65 -5.14 9.75
N LYS A 16 4.64 -6.39 9.31
CA LYS A 16 3.49 -6.95 8.63
C LYS A 16 2.39 -7.34 9.62
N PRO A 17 2.70 -8.07 10.72
CA PRO A 17 1.71 -8.43 11.73
C PRO A 17 0.90 -7.23 12.22
N THR A 18 1.53 -6.06 12.27
CA THR A 18 0.85 -4.85 12.70
C THR A 18 -0.15 -4.38 11.65
N TYR A 19 0.27 -4.38 10.39
CA TYR A 19 -0.60 -3.94 9.30
C TYR A 19 -1.67 -5.01 9.06
N ASP A 20 -1.36 -6.22 9.46
CA ASP A 20 -2.28 -7.35 9.33
C ASP A 20 -3.42 -7.19 10.32
N GLU A 21 -3.07 -6.82 11.54
CA GLU A 21 -4.07 -6.53 12.57
C GLU A 21 -5.01 -5.43 12.10
N ILE A 22 -4.43 -4.30 11.68
CA ILE A 22 -5.24 -3.17 11.22
C ILE A 22 -6.11 -3.56 10.02
N PHE A 23 -5.54 -4.39 9.14
CA PHE A 23 -6.24 -4.85 7.94
C PHE A 23 -7.49 -5.63 8.32
N TYR A 24 -7.36 -6.47 9.35
CA TYR A 24 -8.45 -7.33 9.78
C TYR A 24 -9.45 -6.59 10.67
N THR A 25 -9.01 -5.51 11.31
CA THR A 25 -9.90 -4.72 12.15
C THR A 25 -10.83 -3.87 11.30
N LEU A 26 -10.56 -3.79 10.01
CA LEU A 26 -11.36 -2.99 9.10
C LEU A 26 -12.36 -3.86 8.34
N SER A 27 -12.40 -5.15 8.71
CA SER A 27 -13.32 -6.10 8.09
C SER A 27 -12.99 -6.32 6.61
N PRO A 28 -12.00 -7.18 6.32
CA PRO A 28 -11.60 -7.47 4.96
C PRO A 28 -12.43 -8.60 4.34
N VAL A 29 -12.93 -8.37 3.14
CA VAL A 29 -13.69 -9.36 2.42
C VAL A 29 -12.81 -10.04 1.39
N ASN A 30 -12.98 -11.36 1.24
CA ASN A 30 -12.23 -12.18 0.28
C ASN A 30 -10.71 -11.87 0.31
N GLY A 31 -10.22 -11.52 1.49
CA GLY A 31 -8.79 -11.29 1.69
C GLY A 31 -8.31 -9.93 1.19
N LYS A 32 -9.23 -8.99 1.02
CA LYS A 32 -8.88 -7.62 0.67
C LYS A 32 -9.86 -6.65 1.33
N ILE A 33 -9.47 -5.41 1.45
CA ILE A 33 -10.38 -4.40 1.95
C ILE A 33 -10.82 -3.49 0.83
N THR A 34 -12.04 -3.00 0.93
CA THR A 34 -12.58 -2.09 -0.06
C THR A 34 -12.00 -0.70 0.13
N GLY A 35 -12.19 0.17 -0.86
CA GLY A 35 -11.70 1.53 -0.76
C GLY A 35 -12.22 2.25 0.48
N ALA A 36 -13.43 1.93 0.90
CA ALA A 36 -14.06 2.56 2.06
C ALA A 36 -13.18 2.51 3.30
N ASN A 37 -12.71 1.31 3.62
CA ASN A 37 -12.02 1.07 4.89
C ASN A 37 -10.66 1.75 4.89
N ALA A 38 -9.92 1.57 3.81
CA ALA A 38 -8.60 2.15 3.67
C ALA A 38 -8.67 3.66 3.54
N LYS A 39 -9.73 4.14 2.89
CA LYS A 39 -9.93 5.58 2.72
C LYS A 39 -10.08 6.26 4.06
N LYS A 40 -11.06 5.80 4.85
CA LYS A 40 -11.32 6.42 6.14
C LYS A 40 -10.12 6.26 7.06
N GLU A 41 -9.38 5.17 6.90
CA GLU A 41 -8.17 4.95 7.68
C GLU A 41 -7.14 6.03 7.35
N MET A 42 -7.00 6.32 6.07
CA MET A 42 -6.08 7.37 5.61
C MET A 42 -6.57 8.75 6.05
N VAL A 43 -7.88 8.91 6.16
CA VAL A 43 -8.46 10.15 6.61
C VAL A 43 -8.17 10.33 8.10
N LYS A 44 -8.17 9.21 8.80
CA LYS A 44 -7.86 9.18 10.22
C LYS A 44 -6.35 9.26 10.44
N SER A 45 -5.59 9.10 9.36
CA SER A 45 -4.15 9.24 9.42
C SER A 45 -3.76 10.72 9.45
N LYS A 46 -4.74 11.59 9.17
CA LYS A 46 -4.60 13.04 9.30
C LYS A 46 -3.72 13.62 8.20
N LEU A 47 -3.52 12.84 7.14
CA LEU A 47 -2.67 13.25 6.05
C LEU A 47 -3.47 13.93 4.95
N PRO A 48 -2.85 14.91 4.27
CA PRO A 48 -3.48 15.62 3.13
C PRO A 48 -3.93 14.69 2.02
N ASN A 49 -4.99 15.09 1.32
CA ASN A 49 -5.59 14.30 0.24
C ASN A 49 -4.55 13.97 -0.84
N THR A 50 -3.69 14.93 -1.12
CA THR A 50 -2.66 14.79 -2.14
C THR A 50 -1.68 13.66 -1.79
N VAL A 51 -1.20 13.65 -0.55
CA VAL A 51 -0.28 12.61 -0.10
C VAL A 51 -0.98 11.26 -0.12
N LEU A 52 -2.21 11.22 0.39
CA LEU A 52 -3.01 10.00 0.41
C LEU A 52 -3.21 9.45 -1.00
N GLY A 53 -3.51 10.35 -1.94
CA GLY A 53 -3.68 9.96 -3.32
C GLY A 53 -2.45 9.28 -3.88
N LYS A 54 -1.27 9.79 -3.52
CA LYS A 54 -0.02 9.20 -4.00
C LYS A 54 0.24 7.88 -3.30
N ILE A 55 -0.10 7.80 -2.02
CA ILE A 55 0.10 6.58 -1.25
C ILE A 55 -0.76 5.46 -1.83
N TRP A 56 -2.01 5.77 -2.15
CA TRP A 56 -2.90 4.80 -2.79
C TRP A 56 -2.35 4.42 -4.18
N LYS A 57 -1.86 5.42 -4.90
CA LYS A 57 -1.37 5.21 -6.26
C LYS A 57 -0.19 4.23 -6.28
N LEU A 58 0.57 4.22 -5.19
CA LEU A 58 1.72 3.32 -5.08
C LEU A 58 1.32 1.99 -4.47
N ALA A 59 0.55 2.05 -3.38
CA ALA A 59 0.21 0.85 -2.62
C ALA A 59 -0.67 -0.09 -3.43
N ASP A 60 -1.64 0.46 -4.13
CA ASP A 60 -2.47 -0.35 -5.01
C ASP A 60 -1.77 -0.44 -6.35
N VAL A 61 -0.92 -1.44 -6.48
CA VAL A 61 -0.08 -1.59 -7.66
C VAL A 61 -0.93 -1.96 -8.86
N ASP A 62 -1.85 -2.89 -8.63
CA ASP A 62 -2.67 -3.42 -9.71
C ASP A 62 -3.86 -2.51 -9.96
N LYS A 63 -4.20 -1.72 -8.95
CA LYS A 63 -5.27 -0.73 -9.06
C LYS A 63 -6.60 -1.39 -9.37
N ASP A 64 -7.15 -2.03 -8.37
CA ASP A 64 -8.36 -2.83 -8.52
C ASP A 64 -9.46 -2.33 -7.59
N GLY A 65 -9.23 -1.17 -6.98
CA GLY A 65 -10.21 -0.60 -6.08
C GLY A 65 -10.24 -1.30 -4.73
N LEU A 66 -9.37 -2.29 -4.60
CA LEU A 66 -9.24 -3.06 -3.38
C LEU A 66 -7.80 -3.05 -2.94
N LEU A 67 -7.57 -3.20 -1.65
CA LEU A 67 -6.23 -3.35 -1.15
C LEU A 67 -6.06 -4.72 -0.54
N ASP A 68 -5.12 -5.47 -1.08
CA ASP A 68 -4.72 -6.73 -0.48
C ASP A 68 -4.03 -6.44 0.83
N ASP A 69 -3.72 -7.47 1.59
CA ASP A 69 -2.94 -7.27 2.80
C ASP A 69 -1.56 -6.73 2.46
N GLU A 70 -1.08 -7.05 1.25
CA GLU A 70 0.15 -6.47 0.74
C GLU A 70 -0.02 -4.98 0.52
N GLU A 71 -1.03 -4.64 -0.28
CA GLU A 71 -1.24 -3.27 -0.73
C GLU A 71 -1.61 -2.37 0.45
N PHE A 72 -2.34 -2.92 1.41
CA PHE A 72 -2.71 -2.18 2.60
C PHE A 72 -1.48 -1.98 3.49
N ALA A 73 -0.69 -3.04 3.64
CA ALA A 73 0.54 -2.96 4.41
C ALA A 73 1.50 -1.94 3.81
N LEU A 74 1.55 -1.91 2.48
CA LEU A 74 2.35 -0.94 1.76
C LEU A 74 1.89 0.47 2.10
N ALA A 75 0.57 0.68 2.02
CA ALA A 75 -0.03 1.96 2.34
C ALA A 75 0.29 2.36 3.78
N ASN A 76 0.12 1.43 4.71
CA ASN A 76 0.37 1.68 6.13
C ASN A 76 1.83 1.99 6.39
N HIS A 77 2.71 1.36 5.62
CA HIS A 77 4.14 1.60 5.77
C HIS A 77 4.48 3.02 5.31
N LEU A 78 3.86 3.45 4.22
CA LEU A 78 4.06 4.80 3.69
C LEU A 78 3.48 5.84 4.62
N ILE A 79 2.29 5.54 5.15
CA ILE A 79 1.67 6.42 6.11
C ILE A 79 2.49 6.46 7.39
N LYS A 80 3.04 5.31 7.78
CA LYS A 80 3.85 5.22 8.97
C LYS A 80 5.04 6.18 8.87
N VAL A 81 5.81 6.09 7.79
CA VAL A 81 6.98 6.97 7.62
C VAL A 81 6.58 8.44 7.56
N LYS A 82 5.47 8.75 6.88
CA LYS A 82 4.88 10.09 6.95
C LYS A 82 4.68 10.55 8.40
N LEU A 83 4.24 9.64 9.25
CA LEU A 83 4.02 9.93 10.67
C LEU A 83 5.33 9.93 11.45
N GLU A 84 6.29 9.13 10.99
CA GLU A 84 7.60 9.05 11.63
C GLU A 84 8.36 10.36 11.46
N GLY A 85 8.00 11.10 10.42
CA GLY A 85 8.71 12.32 10.10
C GLY A 85 9.67 12.12 8.94
N HIS A 86 9.47 11.03 8.20
CA HIS A 86 10.29 10.73 7.04
C HIS A 86 9.45 10.93 5.78
N GLU A 87 10.12 11.06 4.65
CA GLU A 87 9.43 11.37 3.41
C GLU A 87 9.40 10.17 2.48
N LEU A 88 8.21 9.83 1.99
CA LEU A 88 8.08 8.82 0.97
C LEU A 88 8.46 9.39 -0.39
N PRO A 89 9.17 8.61 -1.20
CA PRO A 89 9.75 9.10 -2.44
C PRO A 89 8.74 9.24 -3.57
N ALA A 90 7.50 8.81 -3.30
CA ALA A 90 6.42 8.82 -4.30
C ALA A 90 6.76 7.86 -5.45
N ASP A 91 7.66 6.94 -5.16
CA ASP A 91 8.07 5.92 -6.13
C ASP A 91 8.02 4.56 -5.48
N LEU A 92 8.04 3.51 -6.29
CA LEU A 92 8.10 2.14 -5.78
C LEU A 92 9.47 1.51 -6.09
N PRO A 93 10.40 1.55 -5.13
CA PRO A 93 11.68 0.86 -5.25
C PRO A 93 11.50 -0.66 -5.28
N PRO A 94 12.50 -1.39 -5.80
CA PRO A 94 12.40 -2.85 -6.01
C PRO A 94 12.19 -3.65 -4.72
N HIS A 95 12.28 -3.00 -3.58
CA HIS A 95 12.13 -3.71 -2.31
C HIS A 95 10.84 -3.31 -1.60
N LEU A 96 9.95 -2.60 -2.29
CA LEU A 96 8.65 -2.25 -1.72
C LEU A 96 7.51 -2.85 -2.53
N VAL A 97 7.75 -3.08 -3.81
CA VAL A 97 6.74 -3.66 -4.70
C VAL A 97 6.32 -5.04 -4.20
N PRO A 98 5.02 -5.17 -3.83
CA PRO A 98 4.45 -6.42 -3.31
C PRO A 98 4.79 -7.65 -4.15
N PRO A 99 5.04 -8.79 -3.48
CA PRO A 99 5.44 -10.04 -4.14
C PRO A 99 4.39 -10.58 -5.12
N SER A 100 3.11 -10.31 -4.87
CA SER A 100 2.07 -10.84 -5.74
C SER A 100 1.85 -9.94 -6.95
N LYS A 101 2.50 -8.79 -6.96
CA LYS A 101 2.36 -7.84 -8.06
C LYS A 101 3.55 -7.96 -9.01
N ARG A 102 4.52 -8.77 -8.65
CA ARG A 102 5.66 -9.02 -9.52
C ARG A 102 5.62 -10.46 -10.03
N ARG A 103 5.74 -10.63 -11.34
CA ARG A 103 5.81 -11.96 -11.93
C ARG A 103 7.17 -12.20 -12.56
N HIS A 104 7.90 -13.14 -12.00
CA HIS A 104 9.17 -13.57 -12.56
C HIS A 104 8.95 -14.74 -13.51
N GLU A 105 9.61 -14.68 -14.66
CA GLU A 105 9.54 -15.75 -15.63
C GLU A 105 10.93 -15.94 -16.25
N PHE B 1 -3.77 12.08 -16.72
CA PHE B 1 -3.57 11.58 -18.10
C PHE B 1 -4.88 11.03 -18.64
N ASN B 2 -5.43 10.05 -17.93
CA ASN B 2 -6.77 9.55 -18.22
C ASN B 2 -7.79 10.43 -17.50
N TYR B 3 -9.05 10.33 -17.87
CA TYR B 3 -10.07 11.17 -17.28
C TYR B 3 -10.97 10.40 -16.33
N GLU B 4 -10.65 9.12 -16.17
CA GLU B 4 -11.33 8.28 -15.19
C GLU B 4 -10.49 8.22 -13.91
N SER B 5 -11.14 8.41 -12.78
CA SER B 5 -10.46 8.41 -11.50
C SER B 5 -10.61 7.07 -10.79
N THR B 6 -9.55 6.27 -10.82
CA THR B 6 -9.56 4.98 -10.14
C THR B 6 -9.18 5.15 -8.67
N ASN B 7 -8.59 6.30 -8.34
CA ASN B 7 -8.18 6.59 -6.98
C ASN B 7 -9.30 7.29 -6.23
N PRO B 8 -9.77 6.70 -5.12
CA PRO B 8 -10.89 7.24 -4.32
C PRO B 8 -10.56 8.59 -3.67
N PHE B 9 -9.27 8.93 -3.61
CA PHE B 9 -8.84 10.19 -3.03
C PHE B 9 -8.75 11.27 -4.09
N THR B 10 -8.16 10.94 -5.22
CA THR B 10 -7.96 11.90 -6.30
C THR B 10 -8.91 11.62 -7.46
N ALA B 11 -9.95 12.44 -7.56
CA ALA B 11 -10.92 12.31 -8.63
C ALA B 11 -10.61 13.28 -9.75
N LYS B 12 -10.49 14.56 -9.40
CA LYS B 12 -10.13 15.59 -10.36
C LYS B 12 -9.20 16.60 -9.68
CA CA C . -4.87 -3.62 -5.80
N GLY A 1 31.14 -19.97 -3.51
CA GLY A 1 29.88 -19.24 -3.29
C GLY A 1 28.85 -19.54 -4.37
N PRO A 2 27.69 -20.10 -3.98
CA PRO A 2 26.64 -20.47 -4.92
C PRO A 2 25.90 -19.25 -5.46
N LEU A 3 25.47 -19.33 -6.71
CA LEU A 3 24.71 -18.26 -7.32
C LEU A 3 23.22 -18.57 -7.27
N GLY A 4 22.58 -18.14 -6.20
CA GLY A 4 21.15 -18.39 -6.03
C GLY A 4 20.75 -18.26 -4.58
N SER A 5 19.52 -18.69 -4.26
CA SER A 5 19.02 -18.64 -2.88
C SER A 5 18.94 -17.20 -2.38
N ASP A 6 18.79 -16.28 -3.31
CA ASP A 6 18.78 -14.86 -2.98
C ASP A 6 17.37 -14.34 -2.84
N ASP A 7 17.05 -13.84 -1.65
CA ASP A 7 15.74 -13.27 -1.38
C ASP A 7 15.89 -11.83 -0.90
N VAL A 8 14.98 -10.97 -1.34
CA VAL A 8 15.01 -9.57 -0.93
C VAL A 8 14.21 -9.37 0.35
N GLU A 9 14.72 -8.53 1.24
CA GLU A 9 14.03 -8.21 2.48
C GLU A 9 12.85 -7.28 2.20
N TRP A 10 11.65 -7.83 2.24
CA TRP A 10 10.45 -7.04 2.07
C TRP A 10 10.10 -6.38 3.40
N VAL A 11 10.25 -5.07 3.45
CA VAL A 11 10.24 -4.32 4.71
C VAL A 11 8.93 -4.55 5.43
N VAL A 12 7.87 -4.55 4.66
CA VAL A 12 6.54 -4.59 5.21
C VAL A 12 6.04 -6.03 5.35
N GLY A 13 6.89 -6.97 4.96
CA GLY A 13 6.61 -8.35 5.27
C GLY A 13 7.14 -8.69 6.65
N LYS A 14 8.21 -8.01 7.01
CA LYS A 14 8.76 -8.10 8.34
C LYS A 14 7.98 -7.21 9.29
N ASP A 15 7.44 -6.13 8.75
CA ASP A 15 6.70 -5.16 9.55
C ASP A 15 5.21 -5.35 9.29
N LYS A 16 4.83 -6.58 9.03
CA LYS A 16 3.50 -6.89 8.54
C LYS A 16 2.45 -6.95 9.65
N PRO A 17 2.70 -7.65 10.79
CA PRO A 17 1.72 -7.82 11.86
C PRO A 17 0.96 -6.55 12.22
N THR A 18 1.65 -5.41 12.21
CA THR A 18 1.03 -4.15 12.55
C THR A 18 0.03 -3.70 11.47
N TYR A 19 0.47 -3.77 10.21
CA TYR A 19 -0.39 -3.35 9.10
C TYR A 19 -1.48 -4.39 8.90
N ASP A 20 -1.20 -5.59 9.38
CA ASP A 20 -2.13 -6.72 9.27
C ASP A 20 -3.25 -6.54 10.27
N GLU A 21 -2.88 -6.11 11.48
CA GLU A 21 -3.86 -5.76 12.50
C GLU A 21 -4.84 -4.73 11.96
N ILE A 22 -4.28 -3.62 11.46
CA ILE A 22 -5.11 -2.53 10.95
C ILE A 22 -5.94 -2.97 9.74
N PHE A 23 -5.44 -3.97 9.02
CA PHE A 23 -6.10 -4.49 7.84
C PHE A 23 -7.39 -5.22 8.22
N TYR A 24 -7.27 -6.13 9.18
CA TYR A 24 -8.40 -6.93 9.61
C TYR A 24 -9.38 -6.12 10.46
N THR A 25 -8.91 -5.05 11.08
CA THR A 25 -9.77 -4.21 11.91
C THR A 25 -10.70 -3.33 11.06
N LEU A 26 -10.57 -3.44 9.74
CA LEU A 26 -11.39 -2.67 8.83
C LEU A 26 -12.39 -3.59 8.14
N SER A 27 -12.41 -4.85 8.59
CA SER A 27 -13.30 -5.86 8.03
C SER A 27 -13.00 -6.14 6.55
N PRO A 28 -12.05 -7.05 6.28
CA PRO A 28 -11.66 -7.40 4.93
C PRO A 28 -12.50 -8.53 4.33
N VAL A 29 -12.84 -8.37 3.06
CA VAL A 29 -13.65 -9.35 2.34
C VAL A 29 -12.86 -9.93 1.17
N ASN A 30 -12.87 -11.26 1.05
CA ASN A 30 -12.10 -11.99 0.03
C ASN A 30 -10.61 -11.76 0.23
N GLY A 31 -10.26 -11.36 1.43
CA GLY A 31 -8.87 -11.19 1.81
C GLY A 31 -8.37 -9.80 1.51
N LYS A 32 -9.29 -8.88 1.24
CA LYS A 32 -8.94 -7.51 0.89
C LYS A 32 -9.82 -6.52 1.59
N ILE A 33 -9.45 -5.27 1.46
CA ILE A 33 -10.28 -4.18 1.90
C ILE A 33 -10.59 -3.26 0.74
N THR A 34 -11.80 -2.74 0.71
CA THR A 34 -12.21 -1.87 -0.37
C THR A 34 -11.64 -0.47 -0.15
N GLY A 35 -11.80 0.39 -1.17
CA GLY A 35 -11.37 1.76 -1.05
C GLY A 35 -12.00 2.46 0.16
N ALA A 36 -13.19 2.02 0.52
CA ALA A 36 -13.93 2.60 1.65
C ALA A 36 -13.13 2.52 2.94
N ASN A 37 -12.57 1.35 3.20
CA ASN A 37 -11.95 1.07 4.50
C ASN A 37 -10.59 1.73 4.58
N ALA A 38 -9.83 1.65 3.50
CA ALA A 38 -8.53 2.28 3.44
C ALA A 38 -8.66 3.79 3.42
N LYS A 39 -9.76 4.28 2.87
CA LYS A 39 -10.02 5.71 2.79
C LYS A 39 -10.29 6.28 4.18
N LYS A 40 -11.19 5.66 4.92
CA LYS A 40 -11.48 6.12 6.28
C LYS A 40 -10.23 6.03 7.16
N GLU A 41 -9.45 4.98 6.96
CA GLU A 41 -8.22 4.81 7.71
C GLU A 41 -7.25 5.96 7.40
N MET A 42 -7.07 6.24 6.13
CA MET A 42 -6.13 7.28 5.72
C MET A 42 -6.59 8.67 6.16
N VAL A 43 -7.90 8.90 6.22
CA VAL A 43 -8.41 10.22 6.57
C VAL A 43 -8.35 10.45 8.08
N LYS A 44 -8.19 9.38 8.84
CA LYS A 44 -7.96 9.53 10.27
C LYS A 44 -6.45 9.48 10.57
N SER A 45 -5.66 9.13 9.56
CA SER A 45 -4.20 9.01 9.70
C SER A 45 -3.52 10.38 9.79
N LYS A 46 -4.29 11.47 9.67
CA LYS A 46 -3.78 12.84 9.81
C LYS A 46 -2.98 13.29 8.59
N LEU A 47 -3.13 12.60 7.48
CA LEU A 47 -2.40 12.96 6.26
C LEU A 47 -3.28 13.76 5.32
N PRO A 48 -2.68 14.69 4.57
CA PRO A 48 -3.38 15.50 3.57
C PRO A 48 -3.97 14.65 2.44
N ASN A 49 -5.09 15.11 1.91
CA ASN A 49 -5.81 14.42 0.84
C ASN A 49 -4.90 14.09 -0.34
N THR A 50 -4.01 15.02 -0.67
CA THR A 50 -3.08 14.84 -1.77
C THR A 50 -2.15 13.65 -1.52
N VAL A 51 -1.49 13.63 -0.36
CA VAL A 51 -0.59 12.55 0.01
C VAL A 51 -1.32 11.22 0.01
N LEU A 52 -2.56 11.23 0.49
CA LEU A 52 -3.39 10.03 0.53
C LEU A 52 -3.59 9.46 -0.86
N GLY A 53 -3.84 10.36 -1.82
CA GLY A 53 -3.99 9.94 -3.21
C GLY A 53 -2.72 9.33 -3.76
N LYS A 54 -1.60 9.97 -3.44
CA LYS A 54 -0.30 9.48 -3.86
C LYS A 54 -0.03 8.10 -3.29
N ILE A 55 -0.30 7.93 -2.00
CA ILE A 55 -0.09 6.66 -1.32
C ILE A 55 -0.97 5.57 -1.91
N TRP A 56 -2.24 5.87 -2.16
CA TRP A 56 -3.14 4.91 -2.78
C TRP A 56 -2.59 4.45 -4.13
N LYS A 57 -2.13 5.39 -4.94
CA LYS A 57 -1.61 5.09 -6.26
C LYS A 57 -0.38 4.19 -6.18
N LEU A 58 0.33 4.30 -5.06
CA LEU A 58 1.55 3.52 -4.85
C LEU A 58 1.27 2.24 -4.07
N ALA A 59 0.12 2.17 -3.43
CA ALA A 59 -0.22 1.04 -2.58
C ALA A 59 -0.92 -0.04 -3.38
N ASP A 60 -1.84 0.36 -4.24
CA ASP A 60 -2.58 -0.60 -5.05
C ASP A 60 -1.78 -0.90 -6.32
N VAL A 61 -0.85 -1.85 -6.20
CA VAL A 61 0.10 -2.14 -7.26
C VAL A 61 -0.59 -2.83 -8.42
N ASP A 62 -1.55 -3.68 -8.11
CA ASP A 62 -2.28 -4.43 -9.13
C ASP A 62 -3.40 -3.59 -9.71
N LYS A 63 -3.67 -2.48 -9.04
CA LYS A 63 -4.66 -1.50 -9.48
C LYS A 63 -6.02 -2.15 -9.70
N ASP A 64 -6.51 -2.84 -8.67
CA ASP A 64 -7.79 -3.52 -8.74
C ASP A 64 -8.82 -2.81 -7.88
N GLY A 65 -8.45 -1.65 -7.35
CA GLY A 65 -9.37 -0.88 -6.52
C GLY A 65 -9.51 -1.47 -5.13
N LEU A 66 -8.78 -2.55 -4.88
CA LEU A 66 -8.84 -3.22 -3.61
C LEU A 66 -7.43 -3.38 -3.05
N LEU A 67 -7.31 -3.28 -1.75
CA LEU A 67 -6.02 -3.47 -1.12
C LEU A 67 -5.96 -4.83 -0.45
N ASP A 68 -5.11 -5.70 -0.97
CA ASP A 68 -4.80 -6.96 -0.30
C ASP A 68 -3.99 -6.65 0.94
N ASP A 69 -3.75 -7.65 1.77
CA ASP A 69 -2.98 -7.46 2.99
C ASP A 69 -1.57 -6.96 2.66
N GLU A 70 -1.05 -7.35 1.51
CA GLU A 70 0.25 -6.87 1.05
C GLU A 70 0.16 -5.40 0.61
N GLU A 71 -0.88 -5.08 -0.14
CA GLU A 71 -1.04 -3.73 -0.69
C GLU A 71 -1.38 -2.73 0.42
N PHE A 72 -2.11 -3.19 1.41
CA PHE A 72 -2.45 -2.35 2.54
C PHE A 72 -1.24 -2.18 3.44
N ALA A 73 -0.40 -3.21 3.49
CA ALA A 73 0.86 -3.13 4.19
C ALA A 73 1.74 -2.03 3.58
N LEU A 74 1.67 -1.92 2.25
CA LEU A 74 2.37 -0.87 1.54
C LEU A 74 1.82 0.50 1.92
N ALA A 75 0.50 0.63 1.84
CA ALA A 75 -0.18 1.88 2.20
C ALA A 75 0.17 2.28 3.62
N ASN A 76 0.04 1.34 4.54
CA ASN A 76 0.31 1.58 5.95
C ASN A 76 1.76 1.96 6.18
N HIS A 77 2.66 1.40 5.39
CA HIS A 77 4.08 1.69 5.53
C HIS A 77 4.37 3.14 5.13
N LEU A 78 3.76 3.58 4.03
CA LEU A 78 3.95 4.94 3.56
C LEU A 78 3.36 5.94 4.54
N ILE A 79 2.22 5.58 5.12
CA ILE A 79 1.61 6.41 6.13
C ILE A 79 2.45 6.43 7.40
N LYS A 80 2.99 5.26 7.77
CA LYS A 80 3.81 5.16 8.98
C LYS A 80 5.01 6.08 8.88
N VAL A 81 5.72 6.03 7.76
CA VAL A 81 6.90 6.87 7.59
C VAL A 81 6.53 8.35 7.59
N LYS A 82 5.36 8.69 7.03
CA LYS A 82 4.85 10.06 7.14
C LYS A 82 4.69 10.45 8.61
N LEU A 83 4.24 9.49 9.43
CA LEU A 83 4.01 9.72 10.84
C LEU A 83 5.33 9.82 11.61
N GLU A 84 6.38 9.25 11.02
CA GLU A 84 7.71 9.28 11.64
C GLU A 84 8.41 10.59 11.30
N GLY A 85 7.72 11.46 10.58
CA GLY A 85 8.30 12.73 10.19
C GLY A 85 9.10 12.61 8.91
N HIS A 86 8.79 11.60 8.12
CA HIS A 86 9.47 11.40 6.84
C HIS A 86 8.46 11.51 5.71
N GLU A 87 8.98 11.73 4.51
CA GLU A 87 8.14 11.74 3.33
C GLU A 87 8.53 10.60 2.40
N LEU A 88 7.56 10.09 1.67
CA LEU A 88 7.79 8.97 0.77
C LEU A 88 8.20 9.52 -0.60
N PRO A 89 9.07 8.80 -1.33
CA PRO A 89 9.64 9.29 -2.59
C PRO A 89 8.61 9.44 -3.70
N ALA A 90 7.40 8.98 -3.41
CA ALA A 90 6.29 8.96 -4.38
C ALA A 90 6.57 7.98 -5.51
N ASP A 91 7.49 7.06 -5.25
CA ASP A 91 7.81 6.01 -6.21
C ASP A 91 7.93 4.69 -5.46
N LEU A 92 7.89 3.57 -6.18
CA LEU A 92 8.00 2.26 -5.56
C LEU A 92 9.30 1.57 -5.94
N PRO A 93 10.36 1.73 -5.12
CA PRO A 93 11.60 0.96 -5.29
C PRO A 93 11.35 -0.55 -5.20
N PRO A 94 12.21 -1.36 -5.86
CA PRO A 94 12.03 -2.82 -5.96
C PRO A 94 11.78 -3.52 -4.62
N HIS A 95 12.37 -3.02 -3.55
CA HIS A 95 12.22 -3.66 -2.24
C HIS A 95 10.93 -3.26 -1.52
N LEU A 96 10.07 -2.54 -2.22
CA LEU A 96 8.77 -2.19 -1.66
C LEU A 96 7.64 -2.90 -2.39
N VAL A 97 7.86 -3.19 -3.66
CA VAL A 97 6.82 -3.81 -4.49
C VAL A 97 6.50 -5.22 -3.99
N PRO A 98 5.24 -5.46 -3.61
CA PRO A 98 4.79 -6.78 -3.13
C PRO A 98 5.12 -7.89 -4.11
N PRO A 99 5.48 -9.08 -3.58
CA PRO A 99 5.98 -10.20 -4.38
C PRO A 99 4.91 -10.80 -5.29
N SER A 100 3.65 -10.49 -5.05
CA SER A 100 2.57 -11.04 -5.84
C SER A 100 2.46 -10.29 -7.16
N LYS A 101 3.02 -9.08 -7.20
CA LYS A 101 3.03 -8.27 -8.41
C LYS A 101 4.43 -8.26 -9.02
N ARG A 102 5.13 -9.38 -8.89
CA ARG A 102 6.47 -9.50 -9.45
C ARG A 102 6.43 -10.07 -10.86
N ARG A 103 7.42 -9.69 -11.66
CA ARG A 103 7.55 -10.17 -13.01
C ARG A 103 8.89 -10.89 -13.15
N HIS A 104 8.90 -12.02 -13.84
CA HIS A 104 10.09 -12.85 -13.92
C HIS A 104 10.82 -12.63 -15.24
N GLU A 105 12.13 -12.54 -15.16
CA GLU A 105 12.98 -12.43 -16.33
C GLU A 105 14.12 -13.43 -16.21
N PHE B 1 -14.98 6.35 -20.17
CA PHE B 1 -15.54 5.01 -19.87
C PHE B 1 -14.60 4.21 -18.99
N ASN B 2 -13.51 3.71 -19.58
CA ASN B 2 -12.57 2.87 -18.84
C ASN B 2 -11.37 3.69 -18.36
N TYR B 3 -11.09 3.58 -17.06
CA TYR B 3 -9.92 4.20 -16.44
C TYR B 3 -9.97 5.73 -16.56
N GLU B 4 -10.68 6.35 -15.63
CA GLU B 4 -10.83 7.80 -15.63
C GLU B 4 -10.84 8.33 -14.19
N SER B 5 -11.65 7.73 -13.34
CA SER B 5 -11.66 8.09 -11.93
C SER B 5 -11.58 6.83 -11.07
N THR B 6 -10.37 6.50 -10.61
CA THR B 6 -10.15 5.28 -9.85
C THR B 6 -9.77 5.56 -8.40
N ASN B 7 -8.91 6.55 -8.18
CA ASN B 7 -8.42 6.86 -6.84
C ASN B 7 -9.52 7.55 -6.02
N PRO B 8 -9.99 6.87 -4.95
CA PRO B 8 -11.08 7.35 -4.10
C PRO B 8 -10.73 8.60 -3.30
N PHE B 9 -9.47 8.99 -3.33
CA PHE B 9 -8.99 10.12 -2.57
C PHE B 9 -9.01 11.41 -3.39
N THR B 10 -8.51 11.34 -4.60
CA THR B 10 -8.35 12.55 -5.41
C THR B 10 -8.28 12.22 -6.90
N ALA B 11 -8.43 13.26 -7.71
CA ALA B 11 -8.44 13.13 -9.16
C ALA B 11 -8.35 14.51 -9.81
N LYS B 12 -8.96 15.51 -9.16
CA LYS B 12 -9.02 16.88 -9.67
C LYS B 12 -9.88 16.96 -10.92
CA CA C . -5.01 -4.03 -5.48
N GLY A 1 28.75 -15.14 -7.52
CA GLY A 1 28.71 -15.08 -9.00
C GLY A 1 29.26 -13.77 -9.52
N PRO A 2 29.60 -13.70 -10.82
CA PRO A 2 30.11 -12.48 -11.46
C PRO A 2 29.10 -11.34 -11.36
N LEU A 3 29.60 -10.12 -11.13
CA LEU A 3 28.75 -8.92 -10.98
C LEU A 3 28.02 -8.91 -9.64
N GLY A 4 27.69 -10.09 -9.12
CA GLY A 4 26.99 -10.19 -7.87
C GLY A 4 25.67 -10.93 -8.02
N SER A 5 24.65 -10.48 -7.29
CA SER A 5 23.33 -11.09 -7.37
C SER A 5 22.27 -10.09 -6.92
N ASP A 6 21.35 -9.78 -7.81
CA ASP A 6 20.26 -8.89 -7.47
C ASP A 6 19.14 -9.69 -6.81
N ASP A 7 19.20 -9.75 -5.50
CA ASP A 7 18.23 -10.50 -4.72
C ASP A 7 17.31 -9.54 -3.99
N VAL A 8 16.07 -9.49 -4.43
CA VAL A 8 15.11 -8.50 -3.93
C VAL A 8 14.37 -9.03 -2.69
N GLU A 9 14.06 -8.13 -1.79
CA GLU A 9 13.32 -8.47 -0.58
C GLU A 9 12.34 -7.35 -0.26
N TRP A 10 11.21 -7.69 0.33
CA TRP A 10 10.19 -6.69 0.65
C TRP A 10 10.39 -6.20 2.08
N VAL A 11 10.44 -4.88 2.26
CA VAL A 11 10.88 -4.31 3.52
C VAL A 11 9.77 -4.31 4.57
N VAL A 12 8.52 -4.34 4.12
CA VAL A 12 7.40 -4.22 5.06
C VAL A 12 6.99 -5.58 5.60
N GLY A 13 7.69 -6.62 5.16
CA GLY A 13 7.38 -7.97 5.60
C GLY A 13 7.59 -8.15 7.09
N LYS A 14 8.47 -7.33 7.66
CA LYS A 14 8.76 -7.39 9.08
C LYS A 14 7.69 -6.68 9.91
N ASP A 15 7.05 -5.69 9.31
CA ASP A 15 6.03 -4.91 10.00
C ASP A 15 4.65 -5.34 9.53
N LYS A 16 4.51 -6.60 9.17
CA LYS A 16 3.28 -7.08 8.55
C LYS A 16 2.16 -7.34 9.57
N PRO A 17 2.39 -8.11 10.66
CA PRO A 17 1.33 -8.43 11.63
C PRO A 17 0.69 -7.18 12.22
N THR A 18 1.41 -6.07 12.24
CA THR A 18 0.86 -4.82 12.71
C THR A 18 -0.09 -4.21 11.69
N TYR A 19 0.32 -4.22 10.41
CA TYR A 19 -0.52 -3.66 9.36
C TYR A 19 -1.71 -4.58 9.13
N ASP A 20 -1.52 -5.85 9.50
CA ASP A 20 -2.56 -6.85 9.43
C ASP A 20 -3.59 -6.62 10.54
N GLU A 21 -3.09 -6.33 11.74
CA GLU A 21 -3.96 -6.06 12.88
C GLU A 21 -4.88 -4.88 12.57
N ILE A 22 -4.35 -3.88 11.87
CA ILE A 22 -5.14 -2.73 11.46
C ILE A 22 -6.06 -3.09 10.29
N PHE A 23 -5.56 -3.96 9.42
CA PHE A 23 -6.26 -4.37 8.20
C PHE A 23 -7.56 -5.10 8.54
N TYR A 24 -7.49 -5.99 9.52
CA TYR A 24 -8.64 -6.79 9.91
C TYR A 24 -9.76 -5.95 10.53
N THR A 25 -9.41 -4.79 11.08
CA THR A 25 -10.41 -3.97 11.76
C THR A 25 -11.18 -3.08 10.77
N LEU A 26 -10.95 -3.30 9.49
CA LEU A 26 -11.65 -2.54 8.46
C LEU A 26 -12.61 -3.42 7.68
N SER A 27 -12.77 -4.67 8.14
CA SER A 27 -13.67 -5.64 7.51
C SER A 27 -13.17 -6.02 6.10
N PRO A 28 -12.29 -7.03 6.02
CA PRO A 28 -11.72 -7.47 4.76
C PRO A 28 -12.48 -8.62 4.11
N VAL A 29 -12.74 -8.46 2.82
CA VAL A 29 -13.34 -9.50 2.02
C VAL A 29 -12.31 -9.99 1.00
N ASN A 30 -12.19 -11.32 0.87
CA ASN A 30 -11.21 -11.94 -0.04
C ASN A 30 -9.79 -11.59 0.39
N GLY A 31 -9.61 -11.32 1.69
CA GLY A 31 -8.30 -10.97 2.20
C GLY A 31 -7.86 -9.60 1.73
N LYS A 32 -8.82 -8.69 1.66
CA LYS A 32 -8.53 -7.34 1.23
C LYS A 32 -9.71 -6.44 1.50
N ILE A 33 -9.54 -5.16 1.24
CA ILE A 33 -10.55 -4.18 1.61
C ILE A 33 -10.89 -3.25 0.46
N THR A 34 -12.10 -2.70 0.52
CA THR A 34 -12.55 -1.73 -0.45
C THR A 34 -11.97 -0.36 -0.16
N GLY A 35 -12.09 0.55 -1.11
CA GLY A 35 -11.54 1.89 -0.95
C GLY A 35 -12.13 2.62 0.24
N ALA A 36 -13.36 2.28 0.61
CA ALA A 36 -14.05 2.95 1.70
C ALA A 36 -13.32 2.82 3.04
N ASN A 37 -12.93 1.60 3.36
CA ASN A 37 -12.39 1.30 4.68
C ASN A 37 -10.95 1.80 4.77
N ALA A 38 -10.19 1.58 3.71
CA ALA A 38 -8.82 2.06 3.65
C ALA A 38 -8.80 3.59 3.67
N LYS A 39 -9.85 4.19 3.11
CA LYS A 39 -9.96 5.63 3.06
C LYS A 39 -10.17 6.21 4.44
N LYS A 40 -11.20 5.72 5.14
CA LYS A 40 -11.51 6.24 6.47
C LYS A 40 -10.31 6.07 7.40
N GLU A 41 -9.55 5.00 7.22
CA GLU A 41 -8.34 4.79 8.00
C GLU A 41 -7.31 5.87 7.67
N MET A 42 -7.03 6.01 6.39
CA MET A 42 -5.97 6.91 5.93
C MET A 42 -6.33 8.38 6.16
N VAL A 43 -7.62 8.69 6.21
CA VAL A 43 -8.05 10.09 6.37
C VAL A 43 -8.10 10.46 7.83
N LYS A 44 -8.51 9.52 8.66
CA LYS A 44 -8.64 9.78 10.08
C LYS A 44 -7.26 9.72 10.73
N SER A 45 -6.27 9.27 9.95
CA SER A 45 -4.87 9.38 10.35
C SER A 45 -4.43 10.85 10.32
N LYS A 46 -5.28 11.71 9.74
CA LYS A 46 -5.04 13.15 9.67
C LYS A 46 -3.92 13.51 8.69
N LEU A 47 -3.95 12.87 7.53
CA LEU A 47 -2.99 13.18 6.48
C LEU A 47 -3.72 13.67 5.23
N PRO A 48 -3.11 14.58 4.46
CA PRO A 48 -3.73 15.18 3.28
C PRO A 48 -4.12 14.15 2.23
N ASN A 49 -5.27 14.38 1.60
CA ASN A 49 -5.82 13.44 0.62
C ASN A 49 -4.92 13.28 -0.59
N THR A 50 -4.18 14.33 -0.92
CA THR A 50 -3.21 14.26 -2.01
C THR A 50 -2.15 13.21 -1.70
N VAL A 51 -1.53 13.33 -0.52
CA VAL A 51 -0.56 12.36 -0.03
C VAL A 51 -1.17 10.95 0.00
N LEU A 52 -2.39 10.86 0.51
CA LEU A 52 -3.09 9.57 0.61
C LEU A 52 -3.29 8.98 -0.78
N GLY A 53 -3.67 9.83 -1.72
CA GLY A 53 -3.87 9.40 -3.09
C GLY A 53 -2.61 8.90 -3.74
N LYS A 54 -1.49 9.51 -3.35
CA LYS A 54 -0.17 9.09 -3.83
C LYS A 54 0.17 7.73 -3.27
N ILE A 55 -0.06 7.55 -1.98
CA ILE A 55 0.20 6.29 -1.30
C ILE A 55 -0.61 5.15 -1.92
N TRP A 56 -1.89 5.40 -2.20
CA TRP A 56 -2.72 4.40 -2.90
C TRP A 56 -2.12 4.10 -4.27
N LYS A 57 -1.64 5.14 -4.94
CA LYS A 57 -1.09 5.02 -6.28
C LYS A 57 0.16 4.15 -6.29
N LEU A 58 0.81 4.06 -5.14
CA LEU A 58 2.00 3.23 -4.98
C LEU A 58 1.63 1.84 -4.47
N ALA A 59 0.66 1.79 -3.57
CA ALA A 59 0.29 0.55 -2.90
C ALA A 59 -0.58 -0.33 -3.79
N ASP A 60 -1.54 0.28 -4.47
CA ASP A 60 -2.47 -0.46 -5.31
C ASP A 60 -1.88 -0.65 -6.69
N VAL A 61 -0.89 -1.54 -6.77
CA VAL A 61 -0.13 -1.79 -8.01
C VAL A 61 -1.04 -2.36 -9.08
N ASP A 62 -1.94 -3.23 -8.65
CA ASP A 62 -2.86 -3.90 -9.57
C ASP A 62 -3.89 -2.91 -10.08
N LYS A 63 -4.08 -1.82 -9.33
CA LYS A 63 -5.10 -0.83 -9.63
C LYS A 63 -6.46 -1.50 -9.66
N ASP A 64 -6.62 -2.45 -8.75
CA ASP A 64 -7.81 -3.29 -8.71
C ASP A 64 -8.89 -2.66 -7.83
N GLY A 65 -8.66 -1.42 -7.43
CA GLY A 65 -9.65 -0.69 -6.63
C GLY A 65 -9.73 -1.21 -5.20
N LEU A 66 -8.97 -2.25 -4.93
CA LEU A 66 -8.96 -2.87 -3.62
C LEU A 66 -7.53 -2.93 -3.10
N LEU A 67 -7.39 -2.80 -1.80
CA LEU A 67 -6.09 -3.00 -1.16
C LEU A 67 -6.08 -4.32 -0.44
N ASP A 68 -5.29 -5.27 -0.92
CA ASP A 68 -5.13 -6.54 -0.22
C ASP A 68 -4.23 -6.33 0.99
N ASP A 69 -4.06 -7.38 1.78
CA ASP A 69 -3.25 -7.28 2.99
C ASP A 69 -1.80 -6.85 2.67
N GLU A 70 -1.33 -7.19 1.48
CA GLU A 70 0.01 -6.77 1.06
C GLU A 70 0.03 -5.30 0.66
N GLU A 71 -0.92 -4.91 -0.19
CA GLU A 71 -1.04 -3.51 -0.62
C GLU A 71 -1.24 -2.59 0.58
N PHE A 72 -2.09 -3.03 1.50
CA PHE A 72 -2.43 -2.23 2.67
C PHE A 72 -1.23 -2.17 3.62
N ALA A 73 -0.41 -3.20 3.59
CA ALA A 73 0.81 -3.21 4.37
C ALA A 73 1.77 -2.15 3.85
N LEU A 74 1.87 -2.06 2.54
CA LEU A 74 2.70 -1.06 1.90
C LEU A 74 2.20 0.34 2.23
N ALA A 75 0.89 0.51 2.10
CA ALA A 75 0.27 1.80 2.37
C ALA A 75 0.54 2.26 3.78
N ASN A 76 0.40 1.34 4.73
CA ASN A 76 0.62 1.66 6.14
C ASN A 76 2.08 2.00 6.41
N HIS A 77 2.99 1.38 5.67
CA HIS A 77 4.41 1.66 5.83
C HIS A 77 4.71 3.08 5.34
N LEU A 78 4.08 3.47 4.24
CA LEU A 78 4.25 4.81 3.68
C LEU A 78 3.69 5.85 4.63
N ILE A 79 2.59 5.52 5.30
CA ILE A 79 2.00 6.40 6.28
C ILE A 79 2.85 6.48 7.54
N LYS A 80 3.43 5.35 7.93
CA LYS A 80 4.32 5.30 9.08
C LYS A 80 5.48 6.26 8.89
N VAL A 81 6.14 6.20 7.74
CA VAL A 81 7.27 7.08 7.47
C VAL A 81 6.82 8.53 7.36
N LYS A 82 5.68 8.78 6.70
CA LYS A 82 5.08 10.13 6.70
C LYS A 82 4.94 10.68 8.12
N LEU A 83 4.42 9.86 9.02
CA LEU A 83 4.20 10.26 10.41
C LEU A 83 5.53 10.42 11.13
N GLU A 84 6.48 9.56 10.79
CA GLU A 84 7.80 9.57 11.42
C GLU A 84 8.66 10.73 10.92
N GLY A 85 8.13 11.47 9.95
CA GLY A 85 8.86 12.63 9.46
C GLY A 85 9.74 12.30 8.28
N HIS A 86 9.34 11.34 7.50
CA HIS A 86 10.09 10.95 6.32
C HIS A 86 9.20 10.98 5.10
N GLU A 87 9.55 11.83 4.16
CA GLU A 87 8.76 11.99 2.96
C GLU A 87 9.05 10.85 1.98
N LEU A 88 8.03 10.06 1.69
CA LEU A 88 8.13 9.03 0.68
C LEU A 88 8.47 9.65 -0.67
N PRO A 89 9.33 8.99 -1.45
CA PRO A 89 9.79 9.51 -2.75
C PRO A 89 8.72 9.46 -3.84
N ALA A 90 7.55 8.92 -3.49
CA ALA A 90 6.44 8.79 -4.44
C ALA A 90 6.81 7.84 -5.59
N ASP A 91 7.77 6.96 -5.33
CA ASP A 91 8.25 6.02 -6.33
C ASP A 91 8.34 4.63 -5.71
N LEU A 92 8.33 3.59 -6.52
CA LEU A 92 8.40 2.23 -6.03
C LEU A 92 9.72 1.56 -6.43
N PRO A 93 10.74 1.62 -5.54
CA PRO A 93 11.95 0.80 -5.68
C PRO A 93 11.64 -0.67 -5.47
N PRO A 94 12.51 -1.57 -5.94
CA PRO A 94 12.29 -3.03 -5.87
C PRO A 94 11.82 -3.52 -4.50
N HIS A 95 12.43 -3.00 -3.43
CA HIS A 95 12.11 -3.46 -2.07
C HIS A 95 10.80 -2.88 -1.54
N LEU A 96 10.03 -2.23 -2.41
CA LEU A 96 8.73 -1.70 -2.01
C LEU A 96 7.61 -2.28 -2.88
N VAL A 97 7.96 -3.19 -3.78
CA VAL A 97 6.97 -3.79 -4.67
C VAL A 97 6.39 -5.06 -4.06
N PRO A 98 5.08 -5.06 -3.77
CA PRO A 98 4.40 -6.22 -3.18
C PRO A 98 4.56 -7.48 -4.03
N PRO A 99 5.10 -8.55 -3.44
CA PRO A 99 5.39 -9.81 -4.15
C PRO A 99 4.13 -10.56 -4.57
N SER A 100 2.98 -10.05 -4.17
CA SER A 100 1.72 -10.65 -4.57
C SER A 100 1.43 -10.28 -6.01
N LYS A 101 2.08 -9.21 -6.47
CA LYS A 101 1.87 -8.69 -7.81
C LYS A 101 2.93 -9.24 -8.75
N ARG A 102 3.44 -10.43 -8.42
CA ARG A 102 4.40 -11.11 -9.27
C ARG A 102 3.72 -12.24 -10.03
N ARG A 103 3.22 -11.93 -11.22
CA ARG A 103 2.53 -12.92 -12.03
C ARG A 103 3.26 -13.11 -13.36
N HIS A 104 3.40 -14.36 -13.76
CA HIS A 104 3.96 -14.67 -15.06
C HIS A 104 2.84 -14.89 -16.07
N GLU A 105 2.66 -13.91 -16.95
CA GLU A 105 1.66 -13.94 -18.01
C GLU A 105 0.25 -13.98 -17.43
N PHE B 1 2.05 12.64 -20.29
CA PHE B 1 1.54 11.47 -19.55
C PHE B 1 0.04 11.56 -19.37
N ASN B 2 -0.55 10.53 -18.78
CA ASN B 2 -1.97 10.53 -18.50
C ASN B 2 -2.21 10.69 -17.01
N TYR B 3 -1.53 9.86 -16.22
CA TYR B 3 -1.64 9.86 -14.76
C TYR B 3 -3.09 9.69 -14.29
N GLU B 4 -3.48 8.45 -14.11
CA GLU B 4 -4.81 8.12 -13.64
C GLU B 4 -4.94 8.38 -12.13
N SER B 5 -6.07 8.96 -11.75
CA SER B 5 -6.38 9.23 -10.35
C SER B 5 -7.47 8.27 -9.88
N THR B 6 -7.21 6.98 -10.10
CA THR B 6 -8.22 5.93 -9.92
C THR B 6 -8.41 5.54 -8.44
N ASN B 7 -8.28 6.48 -7.53
CA ASN B 7 -8.44 6.17 -6.11
C ASN B 7 -9.54 7.00 -5.46
N PRO B 8 -10.18 6.44 -4.42
CA PRO B 8 -11.31 7.07 -3.72
C PRO B 8 -10.92 8.35 -2.97
N PHE B 9 -9.64 8.69 -2.97
CA PHE B 9 -9.15 9.81 -2.17
C PHE B 9 -9.38 11.14 -2.85
N THR B 10 -9.74 11.10 -4.12
CA THR B 10 -10.02 12.33 -4.86
C THR B 10 -11.27 12.17 -5.73
N ALA B 11 -12.04 11.12 -5.48
CA ALA B 11 -13.21 10.83 -6.30
C ALA B 11 -14.48 10.64 -5.46
N LYS B 12 -14.31 10.32 -4.18
CA LYS B 12 -15.45 10.00 -3.34
C LYS B 12 -15.30 10.64 -1.96
CA CA C . -4.94 -3.48 -5.12
N GLY A 1 31.10 -21.70 -4.10
CA GLY A 1 31.34 -20.25 -3.93
C GLY A 1 30.41 -19.64 -2.92
N PRO A 2 30.81 -18.54 -2.27
CA PRO A 2 30.01 -17.89 -1.23
C PRO A 2 28.73 -17.26 -1.78
N LEU A 3 28.76 -16.92 -3.08
CA LEU A 3 27.62 -16.33 -3.78
C LEU A 3 27.36 -14.89 -3.35
N GLY A 4 27.63 -14.58 -2.09
CA GLY A 4 27.48 -13.23 -1.62
C GLY A 4 26.38 -13.09 -0.60
N SER A 5 25.42 -14.01 -0.65
CA SER A 5 24.27 -14.00 0.27
C SER A 5 23.51 -12.68 0.16
N ASP A 6 23.36 -12.19 -1.07
CA ASP A 6 22.65 -10.95 -1.33
C ASP A 6 21.16 -11.20 -1.24
N ASP A 7 20.52 -10.61 -0.25
CA ASP A 7 19.11 -10.84 0.01
C ASP A 7 18.38 -9.52 0.09
N VAL A 8 17.38 -9.34 -0.76
CA VAL A 8 16.58 -8.13 -0.74
C VAL A 8 15.44 -8.28 0.24
N GLU A 9 15.49 -7.52 1.32
CA GLU A 9 14.47 -7.58 2.35
C GLU A 9 13.27 -6.73 1.97
N TRP A 10 12.07 -7.27 2.17
CA TRP A 10 10.86 -6.50 2.02
C TRP A 10 10.56 -5.83 3.36
N VAL A 11 10.82 -4.52 3.43
CA VAL A 11 10.75 -3.77 4.69
C VAL A 11 9.38 -3.89 5.35
N VAL A 12 8.37 -4.18 4.56
CA VAL A 12 7.02 -4.32 5.09
C VAL A 12 6.83 -5.65 5.80
N GLY A 13 7.66 -6.61 5.46
CA GLY A 13 7.55 -7.92 6.06
C GLY A 13 7.91 -7.91 7.52
N LYS A 14 8.62 -6.87 7.97
CA LYS A 14 9.08 -6.85 9.35
C LYS A 14 8.09 -6.14 10.26
N ASP A 15 7.20 -5.35 9.68
CA ASP A 15 6.10 -4.76 10.45
C ASP A 15 4.79 -5.20 9.84
N LYS A 16 4.78 -6.41 9.31
CA LYS A 16 3.63 -6.92 8.58
C LYS A 16 2.49 -7.31 9.52
N PRO A 17 2.75 -8.07 10.62
CA PRO A 17 1.70 -8.46 11.56
C PRO A 17 0.95 -7.28 12.14
N THR A 18 1.61 -6.12 12.21
CA THR A 18 1.00 -4.93 12.74
C THR A 18 0.02 -4.31 11.73
N TYR A 19 0.45 -4.20 10.47
CA TYR A 19 -0.43 -3.67 9.42
C TYR A 19 -1.51 -4.70 9.14
N ASP A 20 -1.19 -5.95 9.47
CA ASP A 20 -2.08 -7.08 9.28
C ASP A 20 -3.23 -7.00 10.28
N GLU A 21 -2.87 -6.71 11.53
CA GLU A 21 -3.84 -6.53 12.60
C GLU A 21 -4.79 -5.40 12.26
N ILE A 22 -4.24 -4.32 11.70
CA ILE A 22 -5.04 -3.17 11.30
C ILE A 22 -5.94 -3.52 10.10
N PHE A 23 -5.40 -4.31 9.19
CA PHE A 23 -6.10 -4.67 7.96
C PHE A 23 -7.36 -5.44 8.26
N TYR A 24 -7.26 -6.34 9.22
CA TYR A 24 -8.36 -7.21 9.57
C TYR A 24 -9.37 -6.53 10.51
N THR A 25 -9.30 -5.21 10.64
CA THR A 25 -10.30 -4.49 11.42
C THR A 25 -11.14 -3.58 10.51
N LEU A 26 -10.84 -3.63 9.21
CA LEU A 26 -11.56 -2.81 8.23
C LEU A 26 -12.49 -3.66 7.37
N SER A 27 -12.73 -4.89 7.82
CA SER A 27 -13.65 -5.81 7.15
C SER A 27 -13.19 -6.14 5.73
N PRO A 28 -12.23 -7.07 5.59
CA PRO A 28 -11.71 -7.45 4.30
C PRO A 28 -12.53 -8.54 3.62
N VAL A 29 -13.29 -8.13 2.60
CA VAL A 29 -14.05 -9.06 1.79
C VAL A 29 -13.20 -9.55 0.62
N ASN A 30 -13.23 -10.85 0.37
CA ASN A 30 -12.39 -11.48 -0.65
C ASN A 30 -10.91 -11.31 -0.29
N GLY A 31 -10.65 -11.05 0.99
CA GLY A 31 -9.28 -10.91 1.44
C GLY A 31 -8.76 -9.51 1.21
N LYS A 32 -9.66 -8.61 0.82
CA LYS A 32 -9.27 -7.25 0.51
C LYS A 32 -10.26 -6.26 1.07
N ILE A 33 -9.78 -5.08 1.45
CA ILE A 33 -10.66 -4.05 1.96
C ILE A 33 -11.03 -3.07 0.87
N THR A 34 -12.27 -2.59 0.94
CA THR A 34 -12.77 -1.64 -0.03
C THR A 34 -12.12 -0.28 0.16
N GLY A 35 -12.21 0.56 -0.86
CA GLY A 35 -11.69 1.90 -0.77
C GLY A 35 -12.27 2.68 0.39
N ALA A 36 -13.53 2.38 0.71
CA ALA A 36 -14.22 2.98 1.84
C ALA A 36 -13.39 2.90 3.12
N ASN A 37 -13.17 1.70 3.59
CA ASN A 37 -12.54 1.48 4.90
C ASN A 37 -11.08 1.88 4.90
N ALA A 38 -10.38 1.58 3.80
CA ALA A 38 -8.98 1.95 3.68
C ALA A 38 -8.82 3.46 3.67
N LYS A 39 -9.73 4.14 2.97
CA LYS A 39 -9.71 5.60 2.89
C LYS A 39 -9.91 6.17 4.29
N LYS A 40 -10.85 5.57 5.02
CA LYS A 40 -11.14 5.96 6.39
C LYS A 40 -9.88 6.00 7.23
N GLU A 41 -9.15 4.89 7.26
CA GLU A 41 -7.93 4.80 8.07
C GLU A 41 -6.92 5.86 7.63
N MET A 42 -6.73 5.98 6.32
CA MET A 42 -5.78 6.95 5.78
C MET A 42 -6.24 8.37 6.09
N VAL A 43 -7.55 8.57 6.20
CA VAL A 43 -8.11 9.87 6.54
C VAL A 43 -7.88 10.16 8.02
N LYS A 44 -7.99 9.12 8.83
CA LYS A 44 -7.74 9.25 10.26
C LYS A 44 -6.25 9.22 10.57
N SER A 45 -5.44 9.15 9.52
CA SER A 45 -4.00 9.34 9.66
C SER A 45 -3.68 10.84 9.80
N LYS A 46 -4.68 11.68 9.55
CA LYS A 46 -4.58 13.14 9.70
C LYS A 46 -3.68 13.74 8.63
N LEU A 47 -3.51 13.01 7.55
CA LEU A 47 -2.64 13.45 6.47
C LEU A 47 -3.45 14.03 5.32
N PRO A 48 -2.84 14.94 4.54
CA PRO A 48 -3.48 15.55 3.36
C PRO A 48 -3.98 14.52 2.37
N ASN A 49 -5.15 14.81 1.80
CA ASN A 49 -5.83 13.88 0.90
C ASN A 49 -5.02 13.63 -0.37
N THR A 50 -4.21 14.62 -0.76
CA THR A 50 -3.34 14.48 -1.92
C THR A 50 -2.25 13.43 -1.67
N VAL A 51 -1.64 13.50 -0.49
CA VAL A 51 -0.66 12.51 -0.07
C VAL A 51 -1.30 11.12 -0.01
N LEU A 52 -2.50 11.07 0.57
CA LEU A 52 -3.24 9.83 0.68
C LEU A 52 -3.54 9.26 -0.71
N GLY A 53 -3.91 10.14 -1.63
CA GLY A 53 -4.15 9.74 -3.00
C GLY A 53 -2.93 9.08 -3.60
N LYS A 54 -1.78 9.73 -3.45
CA LYS A 54 -0.50 9.20 -3.94
C LYS A 54 -0.23 7.82 -3.36
N ILE A 55 -0.34 7.72 -2.04
CA ILE A 55 -0.06 6.48 -1.34
C ILE A 55 -0.91 5.33 -1.89
N TRP A 56 -2.18 5.60 -2.14
CA TRP A 56 -3.07 4.62 -2.74
C TRP A 56 -2.58 4.22 -4.13
N LYS A 57 -2.19 5.19 -4.93
CA LYS A 57 -1.77 4.95 -6.30
C LYS A 57 -0.51 4.08 -6.34
N LEU A 58 0.24 4.09 -5.24
CA LEU A 58 1.46 3.31 -5.12
C LEU A 58 1.16 1.96 -4.46
N ALA A 59 0.26 1.98 -3.50
CA ALA A 59 -0.06 0.80 -2.71
C ALA A 59 -0.87 -0.19 -3.53
N ASP A 60 -1.83 0.32 -4.28
CA ASP A 60 -2.65 -0.52 -5.14
C ASP A 60 -1.90 -0.79 -6.44
N VAL A 61 -0.97 -1.72 -6.37
CA VAL A 61 -0.07 -2.01 -7.48
C VAL A 61 -0.83 -2.68 -8.62
N ASP A 62 -1.79 -3.52 -8.27
CA ASP A 62 -2.56 -4.25 -9.27
C ASP A 62 -3.70 -3.37 -9.76
N LYS A 63 -3.91 -2.27 -9.05
CA LYS A 63 -4.91 -1.26 -9.39
C LYS A 63 -6.29 -1.90 -9.60
N ASP A 64 -6.83 -2.43 -8.52
CA ASP A 64 -8.11 -3.13 -8.57
C ASP A 64 -9.15 -2.39 -7.75
N GLY A 65 -8.80 -1.19 -7.32
CA GLY A 65 -9.73 -0.37 -6.56
C GLY A 65 -9.89 -0.85 -5.13
N LEU A 66 -9.14 -1.88 -4.79
CA LEU A 66 -9.18 -2.47 -3.46
C LEU A 66 -7.77 -2.64 -2.94
N LEU A 67 -7.64 -2.86 -1.64
CA LEU A 67 -6.34 -3.10 -1.05
C LEU A 67 -6.30 -4.46 -0.38
N ASP A 68 -5.47 -5.35 -0.88
CA ASP A 68 -5.20 -6.60 -0.19
C ASP A 68 -4.23 -6.36 0.96
N ASP A 69 -3.84 -7.40 1.66
CA ASP A 69 -2.98 -7.25 2.83
C ASP A 69 -1.59 -6.74 2.44
N GLU A 70 -1.13 -7.06 1.23
CA GLU A 70 0.14 -6.56 0.74
C GLU A 70 0.02 -5.06 0.47
N GLU A 71 -0.99 -4.72 -0.33
CA GLU A 71 -1.22 -3.34 -0.77
C GLU A 71 -1.52 -2.43 0.42
N PHE A 72 -2.31 -2.92 1.37
CA PHE A 72 -2.66 -2.13 2.54
C PHE A 72 -1.44 -1.94 3.42
N ALA A 73 -0.65 -2.99 3.57
CA ALA A 73 0.57 -2.92 4.35
C ALA A 73 1.54 -1.91 3.74
N LEU A 74 1.52 -1.82 2.41
CA LEU A 74 2.32 -0.84 1.69
C LEU A 74 1.86 0.57 2.06
N ALA A 75 0.54 0.77 2.01
CA ALA A 75 -0.07 2.05 2.38
C ALA A 75 0.34 2.44 3.80
N ASN A 76 0.22 1.49 4.72
CA ASN A 76 0.55 1.72 6.12
C ASN A 76 2.03 2.04 6.30
N HIS A 77 2.88 1.54 5.41
CA HIS A 77 4.31 1.79 5.51
C HIS A 77 4.66 3.17 4.94
N LEU A 78 3.92 3.59 3.92
CA LEU A 78 4.11 4.92 3.35
C LEU A 78 3.60 5.97 4.34
N ILE A 79 2.50 5.65 5.01
CA ILE A 79 1.99 6.49 6.07
C ILE A 79 2.92 6.42 7.28
N LYS A 80 3.54 5.26 7.49
CA LYS A 80 4.56 5.09 8.53
C LYS A 80 5.65 6.14 8.38
N VAL A 81 6.25 6.22 7.20
CA VAL A 81 7.33 7.19 6.99
C VAL A 81 6.81 8.62 7.05
N LYS A 82 5.60 8.86 6.55
CA LYS A 82 4.97 10.18 6.74
C LYS A 82 4.81 10.53 8.22
N LEU A 83 4.42 9.56 9.03
CA LEU A 83 4.19 9.78 10.46
C LEU A 83 5.49 10.02 11.20
N GLU A 84 6.58 9.56 10.61
CA GLU A 84 7.90 9.75 11.19
C GLU A 84 8.46 11.13 10.83
N GLY A 85 7.77 11.83 9.95
CA GLY A 85 8.25 13.12 9.50
C GLY A 85 9.16 13.00 8.30
N HIS A 86 8.93 11.97 7.49
CA HIS A 86 9.69 11.77 6.27
C HIS A 86 8.81 12.04 5.06
N GLU A 87 9.43 12.01 3.90
CA GLU A 87 8.69 12.07 2.64
C GLU A 87 8.76 10.71 1.96
N LEU A 88 7.63 10.26 1.42
CA LEU A 88 7.61 8.99 0.72
C LEU A 88 8.08 9.22 -0.72
N PRO A 89 8.89 8.27 -1.25
CA PRO A 89 9.59 8.44 -2.53
C PRO A 89 8.65 8.62 -3.74
N ALA A 90 7.39 8.31 -3.52
CA ALA A 90 6.36 8.36 -4.56
C ALA A 90 6.65 7.36 -5.69
N ASP A 91 7.52 6.40 -5.41
CA ASP A 91 7.77 5.30 -6.32
C ASP A 91 7.85 4.00 -5.52
N LEU A 92 7.91 2.88 -6.23
CA LEU A 92 8.06 1.60 -5.58
C LEU A 92 9.39 0.95 -5.99
N PRO A 93 10.46 1.21 -5.22
CA PRO A 93 11.75 0.54 -5.42
C PRO A 93 11.65 -0.96 -5.18
N PRO A 94 12.55 -1.74 -5.79
CA PRO A 94 12.53 -3.22 -5.73
C PRO A 94 12.42 -3.81 -4.32
N HIS A 95 12.83 -3.06 -3.30
CA HIS A 95 12.81 -3.57 -1.93
C HIS A 95 11.55 -3.12 -1.19
N LEU A 96 10.66 -2.45 -1.91
CA LEU A 96 9.40 -2.00 -1.33
C LEU A 96 8.22 -2.54 -2.14
N VAL A 97 8.40 -2.66 -3.44
CA VAL A 97 7.35 -3.17 -4.30
C VAL A 97 7.25 -4.69 -4.19
N PRO A 98 6.07 -5.20 -3.79
CA PRO A 98 5.82 -6.63 -3.69
C PRO A 98 6.07 -7.37 -5.00
N PRO A 99 6.87 -8.45 -4.95
CA PRO A 99 7.24 -9.24 -6.14
C PRO A 99 6.05 -9.94 -6.79
N SER A 100 4.89 -9.86 -6.13
CA SER A 100 3.70 -10.56 -6.60
C SER A 100 3.08 -9.85 -7.80
N LYS A 101 3.53 -8.63 -8.06
CA LYS A 101 2.99 -7.84 -9.16
C LYS A 101 4.09 -7.48 -10.17
N ARG A 102 5.19 -8.24 -10.15
CA ARG A 102 6.29 -8.03 -11.09
C ARG A 102 6.35 -9.20 -12.08
N ARG A 103 6.65 -8.90 -13.34
CA ARG A 103 6.67 -9.92 -14.38
C ARG A 103 7.82 -9.69 -15.36
N HIS A 104 8.35 -10.78 -15.90
CA HIS A 104 9.42 -10.73 -16.89
C HIS A 104 9.08 -11.64 -18.06
N GLU A 105 9.41 -11.21 -19.26
CA GLU A 105 9.20 -12.01 -20.46
C GLU A 105 10.55 -12.35 -21.08
N PHE B 1 -8.81 -2.01 -21.78
CA PHE B 1 -9.60 -0.81 -21.42
C PHE B 1 -9.04 -0.19 -20.15
N ASN B 2 -8.86 1.13 -20.18
CA ASN B 2 -8.28 1.85 -19.04
C ASN B 2 -9.38 2.41 -18.15
N TYR B 3 -9.01 2.83 -16.96
CA TYR B 3 -9.98 3.25 -15.96
C TYR B 3 -9.93 4.76 -15.76
N GLU B 4 -11.06 5.33 -15.35
CA GLU B 4 -11.14 6.75 -15.06
C GLU B 4 -11.16 6.99 -13.55
N SER B 5 -10.02 7.39 -13.00
CA SER B 5 -9.90 7.76 -11.59
C SER B 5 -10.30 6.61 -10.66
N THR B 6 -9.37 5.69 -10.41
CA THR B 6 -9.62 4.57 -9.51
C THR B 6 -9.12 4.88 -8.10
N ASN B 7 -8.80 6.14 -7.85
CA ASN B 7 -8.34 6.59 -6.54
C ASN B 7 -9.48 7.27 -5.79
N PRO B 8 -9.96 6.65 -4.71
CA PRO B 8 -11.14 7.13 -3.95
C PRO B 8 -10.88 8.45 -3.21
N PHE B 9 -9.63 8.89 -3.23
CA PHE B 9 -9.27 10.16 -2.60
C PHE B 9 -9.49 11.31 -3.56
N THR B 10 -9.22 11.06 -4.83
CA THR B 10 -9.40 12.06 -5.88
C THR B 10 -10.66 11.76 -6.68
N ALA B 11 -11.78 12.32 -6.26
CA ALA B 11 -13.05 12.12 -6.94
C ALA B 11 -14.01 13.27 -6.62
N LYS B 12 -15.16 13.25 -7.27
CA LYS B 12 -16.19 14.26 -7.02
C LYS B 12 -17.57 13.64 -7.11
CA CA C . -5.03 -3.69 -5.58
N GLY A 1 26.87 -21.97 8.11
CA GLY A 1 26.28 -21.42 6.85
C GLY A 1 27.33 -21.24 5.77
N PRO A 2 26.96 -21.44 4.50
CA PRO A 2 27.89 -21.31 3.38
C PRO A 2 28.06 -19.87 2.90
N LEU A 3 27.18 -18.98 3.38
CA LEU A 3 27.24 -17.54 3.06
C LEU A 3 27.03 -17.28 1.57
N GLY A 4 26.52 -18.27 0.85
CA GLY A 4 26.29 -18.10 -0.57
C GLY A 4 24.81 -17.99 -0.89
N SER A 5 24.14 -17.04 -0.27
CA SER A 5 22.73 -16.85 -0.49
C SER A 5 22.43 -15.41 -0.89
N ASP A 6 21.64 -15.26 -1.95
CA ASP A 6 21.23 -13.95 -2.41
C ASP A 6 19.76 -13.72 -2.09
N ASP A 7 19.49 -12.88 -1.09
CA ASP A 7 18.13 -12.60 -0.67
C ASP A 7 17.96 -11.11 -0.35
N VAL A 8 16.89 -10.54 -0.87
CA VAL A 8 16.54 -9.15 -0.59
C VAL A 8 15.38 -9.12 0.40
N GLU A 9 15.34 -8.09 1.24
CA GLU A 9 14.34 -8.02 2.29
C GLU A 9 13.23 -7.03 1.94
N TRP A 10 11.99 -7.47 2.09
CA TRP A 10 10.84 -6.59 1.96
C TRP A 10 10.66 -5.83 3.27
N VAL A 11 10.94 -4.53 3.25
CA VAL A 11 10.97 -3.71 4.46
C VAL A 11 9.70 -3.83 5.30
N VAL A 12 8.56 -3.97 4.63
CA VAL A 12 7.28 -4.04 5.30
C VAL A 12 7.09 -5.37 6.02
N GLY A 13 7.90 -6.35 5.66
CA GLY A 13 7.80 -7.66 6.30
C GLY A 13 8.32 -7.64 7.72
N LYS A 14 8.81 -6.48 8.17
CA LYS A 14 9.27 -6.35 9.55
C LYS A 14 8.11 -5.97 10.47
N ASP A 15 7.16 -5.25 9.92
CA ASP A 15 6.08 -4.70 10.72
C ASP A 15 4.77 -4.78 9.96
N LYS A 16 4.65 -5.86 9.20
CA LYS A 16 3.46 -6.16 8.44
C LYS A 16 2.34 -6.71 9.34
N PRO A 17 2.65 -7.63 10.31
CA PRO A 17 1.64 -8.15 11.26
C PRO A 17 0.76 -7.07 11.88
N THR A 18 1.33 -5.89 12.12
CA THR A 18 0.56 -4.81 12.71
C THR A 18 -0.45 -4.28 11.70
N TYR A 19 -0.02 -4.06 10.46
CA TYR A 19 -0.92 -3.56 9.43
C TYR A 19 -1.89 -4.66 9.03
N ASP A 20 -1.49 -5.89 9.28
CA ASP A 20 -2.32 -7.05 9.02
C ASP A 20 -3.51 -7.04 9.97
N GLU A 21 -3.23 -6.67 11.22
CA GLU A 21 -4.27 -6.52 12.22
C GLU A 21 -5.17 -5.35 11.86
N ILE A 22 -4.59 -4.29 11.29
CA ILE A 22 -5.37 -3.14 10.83
C ILE A 22 -6.27 -3.55 9.67
N PHE A 23 -5.79 -4.52 8.91
CA PHE A 23 -6.47 -4.97 7.71
C PHE A 23 -7.70 -5.79 8.06
N TYR A 24 -7.55 -6.70 9.01
CA TYR A 24 -8.64 -7.58 9.40
C TYR A 24 -9.67 -6.85 10.26
N THR A 25 -9.28 -5.74 10.86
CA THR A 25 -10.20 -4.96 11.69
C THR A 25 -11.05 -4.04 10.84
N LEU A 26 -10.78 -3.99 9.54
CA LEU A 26 -11.55 -3.15 8.63
C LEU A 26 -12.54 -3.97 7.83
N SER A 27 -12.68 -5.25 8.21
CA SER A 27 -13.61 -6.16 7.55
C SER A 27 -13.20 -6.40 6.09
N PRO A 28 -12.27 -7.33 5.85
CA PRO A 28 -11.78 -7.62 4.51
C PRO A 28 -12.63 -8.67 3.78
N VAL A 29 -13.22 -8.25 2.67
CA VAL A 29 -14.04 -9.12 1.85
C VAL A 29 -13.22 -9.73 0.73
N ASN A 30 -13.39 -11.03 0.53
CA ASN A 30 -12.65 -11.81 -0.48
C ASN A 30 -11.15 -11.72 -0.26
N GLY A 31 -10.76 -11.35 0.95
CA GLY A 31 -9.36 -11.33 1.32
C GLY A 31 -8.72 -9.98 1.09
N LYS A 32 -9.54 -8.99 0.74
CA LYS A 32 -9.06 -7.64 0.52
C LYS A 32 -10.01 -6.64 1.15
N ILE A 33 -9.64 -5.38 1.14
CA ILE A 33 -10.52 -4.35 1.63
C ILE A 33 -10.84 -3.38 0.52
N THR A 34 -11.98 -2.73 0.63
CA THR A 34 -12.41 -1.79 -0.39
C THR A 34 -11.72 -0.45 -0.19
N GLY A 35 -11.80 0.41 -1.19
CA GLY A 35 -11.27 1.74 -1.06
C GLY A 35 -11.90 2.50 0.09
N ALA A 36 -13.10 2.06 0.47
CA ALA A 36 -13.84 2.69 1.56
C ALA A 36 -13.08 2.62 2.87
N ASN A 37 -12.80 1.40 3.31
CA ASN A 37 -12.26 1.14 4.64
C ASN A 37 -10.86 1.73 4.78
N ALA A 38 -10.04 1.54 3.75
CA ALA A 38 -8.69 2.07 3.75
C ALA A 38 -8.71 3.60 3.74
N LYS A 39 -9.68 4.16 3.05
CA LYS A 39 -9.86 5.60 2.96
C LYS A 39 -10.12 6.18 4.34
N LYS A 40 -10.98 5.51 5.09
CA LYS A 40 -11.30 5.91 6.45
C LYS A 40 -10.03 5.94 7.30
N GLU A 41 -9.28 4.86 7.29
CA GLU A 41 -8.05 4.78 8.06
C GLU A 41 -7.09 5.90 7.68
N MET A 42 -6.98 6.13 6.37
CA MET A 42 -6.03 7.11 5.85
C MET A 42 -6.44 8.55 6.18
N VAL A 43 -7.75 8.80 6.37
CA VAL A 43 -8.17 10.14 6.76
C VAL A 43 -8.04 10.32 8.26
N LYS A 44 -8.03 9.20 8.97
CA LYS A 44 -7.76 9.21 10.41
C LYS A 44 -6.26 9.36 10.66
N SER A 45 -5.49 9.19 9.60
CA SER A 45 -4.05 9.37 9.67
C SER A 45 -3.66 10.86 9.72
N LYS A 46 -4.66 11.73 9.53
CA LYS A 46 -4.46 13.20 9.62
C LYS A 46 -3.57 13.71 8.49
N LEU A 47 -3.69 13.09 7.33
CA LEU A 47 -2.85 13.44 6.19
C LEU A 47 -3.68 14.08 5.08
N PRO A 48 -3.07 15.03 4.34
CA PRO A 48 -3.74 15.72 3.23
C PRO A 48 -4.17 14.77 2.11
N ASN A 49 -5.21 15.16 1.38
CA ASN A 49 -5.76 14.34 0.30
C ASN A 49 -4.73 14.06 -0.78
N THR A 50 -3.83 15.01 -1.00
CA THR A 50 -2.78 14.86 -2.00
C THR A 50 -1.83 13.72 -1.62
N VAL A 51 -1.34 13.75 -0.39
CA VAL A 51 -0.47 12.71 0.12
C VAL A 51 -1.17 11.35 0.08
N LEU A 52 -2.42 11.34 0.52
CA LEU A 52 -3.22 10.13 0.53
C LEU A 52 -3.45 9.61 -0.88
N GLY A 53 -3.66 10.53 -1.82
CA GLY A 53 -3.85 10.16 -3.20
C GLY A 53 -2.65 9.45 -3.78
N LYS A 54 -1.47 9.96 -3.47
CA LYS A 54 -0.22 9.36 -3.95
C LYS A 54 0.00 7.99 -3.31
N ILE A 55 -0.25 7.91 -2.01
CA ILE A 55 -0.11 6.64 -1.30
C ILE A 55 -0.95 5.55 -1.94
N TRP A 56 -2.24 5.83 -2.13
CA TRP A 56 -3.14 4.86 -2.75
C TRP A 56 -2.72 4.53 -4.18
N LYS A 57 -2.48 5.58 -4.98
CA LYS A 57 -2.19 5.42 -6.40
C LYS A 57 -0.93 4.56 -6.62
N LEU A 58 0.00 4.64 -5.67
CA LEU A 58 1.27 3.95 -5.78
C LEU A 58 1.21 2.57 -5.12
N ALA A 59 0.56 2.50 -3.96
CA ALA A 59 0.49 1.26 -3.17
C ALA A 59 -0.34 0.17 -3.84
N ASP A 60 -1.42 0.57 -4.50
CA ASP A 60 -2.28 -0.38 -5.21
C ASP A 60 -1.56 -0.85 -6.47
N VAL A 61 -0.87 -1.97 -6.38
CA VAL A 61 0.01 -2.43 -7.45
C VAL A 61 -0.79 -3.11 -8.56
N ASP A 62 -1.79 -3.87 -8.17
CA ASP A 62 -2.65 -4.56 -9.13
C ASP A 62 -3.69 -3.60 -9.67
N LYS A 63 -3.80 -2.47 -8.98
CA LYS A 63 -4.68 -1.37 -9.37
C LYS A 63 -6.09 -1.86 -9.64
N ASP A 64 -6.77 -2.18 -8.55
CA ASP A 64 -8.11 -2.75 -8.63
C ASP A 64 -9.08 -1.99 -7.75
N GLY A 65 -8.62 -0.86 -7.23
CA GLY A 65 -9.45 -0.06 -6.35
C GLY A 65 -9.64 -0.72 -5.01
N LEU A 66 -8.87 -1.76 -4.76
CA LEU A 66 -8.92 -2.51 -3.52
C LEU A 66 -7.51 -2.77 -3.02
N LEU A 67 -7.38 -3.00 -1.73
CA LEU A 67 -6.08 -3.30 -1.17
C LEU A 67 -6.10 -4.65 -0.50
N ASP A 68 -5.28 -5.57 -0.98
CA ASP A 68 -5.03 -6.81 -0.25
C ASP A 68 -4.13 -6.52 0.94
N ASP A 69 -3.76 -7.55 1.69
CA ASP A 69 -3.00 -7.35 2.91
C ASP A 69 -1.59 -6.81 2.62
N GLU A 70 -1.05 -7.10 1.44
CA GLU A 70 0.26 -6.58 1.06
C GLU A 70 0.14 -5.11 0.68
N GLU A 71 -0.86 -4.79 -0.15
CA GLU A 71 -1.06 -3.43 -0.63
C GLU A 71 -1.44 -2.50 0.51
N PHE A 72 -2.24 -3.02 1.43
CA PHE A 72 -2.65 -2.24 2.59
C PHE A 72 -1.47 -2.05 3.54
N ALA A 73 -0.66 -3.09 3.68
CA ALA A 73 0.54 -3.02 4.49
C ALA A 73 1.51 -1.98 3.92
N LEU A 74 1.62 -1.96 2.60
CA LEU A 74 2.46 -1.00 1.90
C LEU A 74 1.98 0.41 2.23
N ALA A 75 0.68 0.64 2.08
CA ALA A 75 0.07 1.93 2.36
C ALA A 75 0.38 2.40 3.79
N ASN A 76 0.20 1.49 4.74
CA ASN A 76 0.42 1.81 6.15
C ASN A 76 1.89 2.09 6.44
N HIS A 77 2.78 1.33 5.78
CA HIS A 77 4.21 1.56 5.94
C HIS A 77 4.58 2.94 5.38
N LEU A 78 3.87 3.34 4.34
CA LEU A 78 4.03 4.67 3.77
C LEU A 78 3.57 5.73 4.77
N ILE A 79 2.52 5.41 5.52
CA ILE A 79 2.06 6.28 6.59
C ILE A 79 3.19 6.44 7.61
N LYS A 80 3.78 5.31 7.99
CA LYS A 80 4.86 5.30 8.97
C LYS A 80 6.04 6.15 8.55
N VAL A 81 6.46 6.05 7.28
CA VAL A 81 7.61 6.83 6.83
C VAL A 81 7.31 8.34 6.88
N LYS A 82 6.08 8.75 6.53
CA LYS A 82 5.64 10.12 6.80
C LYS A 82 5.86 10.48 8.28
N LEU A 83 5.42 9.59 9.16
CA LEU A 83 5.49 9.82 10.61
C LEU A 83 6.94 9.81 11.09
N GLU A 84 7.77 9.05 10.40
CA GLU A 84 9.19 8.96 10.73
C GLU A 84 9.93 10.24 10.38
N GLY A 85 9.33 11.04 9.51
CA GLY A 85 9.97 12.27 9.08
C GLY A 85 10.61 12.13 7.71
N HIS A 86 10.13 11.17 6.94
CA HIS A 86 10.65 10.95 5.59
C HIS A 86 9.53 11.13 4.59
N GLU A 87 9.88 11.39 3.35
CA GLU A 87 8.89 11.47 2.29
C GLU A 87 9.04 10.29 1.34
N LEU A 88 7.93 9.64 1.06
CA LEU A 88 7.89 8.59 0.04
C LEU A 88 8.09 9.20 -1.34
N PRO A 89 8.73 8.45 -2.25
CA PRO A 89 9.04 8.94 -3.59
C PRO A 89 7.85 8.85 -4.54
N ALA A 90 6.72 8.38 -4.02
CA ALA A 90 5.51 8.18 -4.82
C ALA A 90 5.72 7.10 -5.87
N ASP A 91 6.74 6.27 -5.65
CA ASP A 91 7.10 5.19 -6.58
C ASP A 91 7.33 3.91 -5.79
N LEU A 92 7.46 2.79 -6.49
CA LEU A 92 7.69 1.51 -5.85
C LEU A 92 9.08 0.97 -6.15
N PRO A 93 10.06 1.28 -5.29
CA PRO A 93 11.40 0.67 -5.35
C PRO A 93 11.32 -0.84 -5.05
N PRO A 94 12.29 -1.62 -5.56
CA PRO A 94 12.26 -3.09 -5.49
C PRO A 94 12.00 -3.64 -4.08
N HIS A 95 12.59 -3.01 -3.06
CA HIS A 95 12.46 -3.50 -1.68
C HIS A 95 11.12 -3.09 -1.05
N LEU A 96 10.22 -2.53 -1.85
CA LEU A 96 8.90 -2.15 -1.37
C LEU A 96 7.79 -2.76 -2.25
N VAL A 97 8.18 -3.59 -3.20
CA VAL A 97 7.19 -4.18 -4.12
C VAL A 97 6.62 -5.47 -3.53
N PRO A 98 5.28 -5.48 -3.30
CA PRO A 98 4.57 -6.68 -2.82
C PRO A 98 4.83 -7.90 -3.71
N PRO A 99 5.31 -9.01 -3.11
CA PRO A 99 5.75 -10.20 -3.86
C PRO A 99 4.65 -10.87 -4.68
N SER A 100 3.39 -10.67 -4.29
CA SER A 100 2.29 -11.29 -5.01
C SER A 100 2.09 -10.62 -6.37
N LYS A 101 2.69 -9.44 -6.52
CA LYS A 101 2.62 -8.70 -7.76
C LYS A 101 3.91 -8.88 -8.56
N ARG A 102 4.59 -10.00 -8.32
CA ARG A 102 5.76 -10.36 -9.11
C ARG A 102 5.32 -11.19 -10.29
N ARG A 103 6.07 -11.08 -11.38
CA ARG A 103 5.69 -11.74 -12.62
C ARG A 103 6.05 -13.22 -12.56
N HIS A 104 5.10 -14.02 -12.08
CA HIS A 104 5.33 -15.45 -11.92
C HIS A 104 4.91 -16.20 -13.17
N GLU A 105 5.88 -16.93 -13.74
CA GLU A 105 5.71 -17.67 -14.98
C GLU A 105 5.36 -16.73 -16.14
N PHE B 1 -16.77 4.73 -8.77
CA PHE B 1 -17.84 5.03 -7.80
C PHE B 1 -18.85 6.00 -8.39
N ASN B 2 -18.45 7.26 -8.55
CA ASN B 2 -19.33 8.27 -9.13
C ASN B 2 -19.48 8.03 -10.63
N TYR B 3 -18.44 8.37 -11.38
CA TYR B 3 -18.39 8.07 -12.79
C TYR B 3 -17.12 7.29 -13.08
N GLU B 4 -15.99 7.96 -12.90
CA GLU B 4 -14.70 7.32 -12.96
C GLU B 4 -13.88 7.76 -11.76
N SER B 5 -13.19 6.81 -11.15
CA SER B 5 -12.46 7.06 -9.92
C SER B 5 -11.52 5.91 -9.58
N THR B 6 -10.23 6.13 -9.77
CA THR B 6 -9.23 5.12 -9.49
C THR B 6 -8.62 5.33 -8.10
N ASN B 7 -9.17 6.26 -7.35
CA ASN B 7 -8.68 6.57 -6.01
C ASN B 7 -9.80 7.24 -5.21
N PRO B 8 -10.14 6.70 -4.03
CA PRO B 8 -11.22 7.21 -3.17
C PRO B 8 -10.93 8.60 -2.59
N PHE B 9 -9.74 9.12 -2.86
CA PHE B 9 -9.37 10.46 -2.42
C PHE B 9 -9.41 11.44 -3.58
N THR B 10 -9.20 10.92 -4.79
CA THR B 10 -9.19 11.73 -5.99
C THR B 10 -9.24 10.86 -7.23
N ALA B 11 -10.10 11.21 -8.17
CA ALA B 11 -10.19 10.48 -9.43
C ALA B 11 -9.05 10.89 -10.36
N LYS B 12 -8.28 11.87 -9.92
CA LYS B 12 -7.19 12.42 -10.71
C LYS B 12 -5.86 12.10 -10.04
CA CA C . -5.05 -3.63 -5.39
N GLY A 1 9.67 -24.99 -1.27
CA GLY A 1 10.12 -25.60 -2.55
C GLY A 1 11.41 -24.99 -3.05
N PRO A 2 11.83 -25.35 -4.26
CA PRO A 2 13.06 -24.81 -4.86
C PRO A 2 13.00 -23.30 -5.04
N LEU A 3 14.11 -22.63 -4.79
CA LEU A 3 14.16 -21.18 -4.87
C LEU A 3 14.88 -20.72 -6.13
N GLY A 4 14.63 -19.47 -6.49
CA GLY A 4 15.29 -18.87 -7.62
C GLY A 4 15.35 -17.37 -7.44
N SER A 5 16.10 -16.69 -8.30
CA SER A 5 16.23 -15.24 -8.24
C SER A 5 17.00 -14.84 -6.99
N ASP A 6 16.95 -13.55 -6.66
CA ASP A 6 17.56 -13.04 -5.45
C ASP A 6 16.49 -12.56 -4.48
N ASP A 7 16.61 -12.93 -3.22
CA ASP A 7 15.63 -12.57 -2.22
C ASP A 7 15.62 -11.07 -1.97
N VAL A 8 14.53 -10.42 -2.38
CA VAL A 8 14.41 -8.98 -2.22
C VAL A 8 14.06 -8.63 -0.77
N GLU A 9 14.72 -7.63 -0.23
CA GLU A 9 14.47 -7.19 1.13
C GLU A 9 13.23 -6.30 1.19
N TRP A 10 12.06 -6.91 1.33
CA TRP A 10 10.84 -6.15 1.51
C TRP A 10 10.73 -5.74 2.97
N VAL A 11 11.12 -4.50 3.24
CA VAL A 11 11.23 -3.99 4.61
C VAL A 11 9.92 -4.10 5.37
N VAL A 12 8.81 -4.08 4.64
CA VAL A 12 7.49 -4.06 5.23
C VAL A 12 7.13 -5.42 5.83
N GLY A 13 7.88 -6.45 5.43
CA GLY A 13 7.62 -7.78 5.95
C GLY A 13 7.96 -7.91 7.42
N LYS A 14 8.61 -6.89 7.98
CA LYS A 14 8.99 -6.92 9.37
C LYS A 14 7.93 -6.27 10.24
N ASP A 15 7.23 -5.33 9.64
CA ASP A 15 6.31 -4.49 10.38
C ASP A 15 4.91 -4.65 9.79
N LYS A 16 4.64 -5.86 9.32
CA LYS A 16 3.41 -6.18 8.62
C LYS A 16 2.28 -6.60 9.59
N PRO A 17 2.55 -7.51 10.56
CA PRO A 17 1.52 -7.99 11.50
C PRO A 17 0.68 -6.88 12.14
N THR A 18 1.26 -5.68 12.25
CA THR A 18 0.54 -4.55 12.83
C THR A 18 -0.58 -4.12 11.90
N TYR A 19 -0.27 -4.01 10.61
CA TYR A 19 -1.24 -3.59 9.62
C TYR A 19 -2.15 -4.76 9.29
N ASP A 20 -1.67 -5.96 9.58
CA ASP A 20 -2.45 -7.18 9.45
C ASP A 20 -3.65 -7.11 10.40
N GLU A 21 -3.38 -6.69 11.62
CA GLU A 21 -4.42 -6.49 12.63
C GLU A 21 -5.39 -5.40 12.16
N ILE A 22 -4.83 -4.27 11.75
CA ILE A 22 -5.65 -3.16 11.27
C ILE A 22 -6.48 -3.56 10.05
N PHE A 23 -5.89 -4.41 9.21
CA PHE A 23 -6.51 -4.84 7.98
C PHE A 23 -7.76 -5.66 8.28
N TYR A 24 -7.68 -6.49 9.30
CA TYR A 24 -8.79 -7.34 9.68
C TYR A 24 -9.89 -6.54 10.39
N THR A 25 -9.52 -5.43 11.01
CA THR A 25 -10.49 -4.61 11.74
C THR A 25 -11.24 -3.68 10.79
N LEU A 26 -10.94 -3.78 9.50
CA LEU A 26 -11.62 -2.98 8.50
C LEU A 26 -12.57 -3.86 7.69
N SER A 27 -12.62 -5.14 8.07
CA SER A 27 -13.47 -6.13 7.42
C SER A 27 -13.07 -6.34 5.95
N PRO A 28 -12.13 -7.27 5.70
CA PRO A 28 -11.66 -7.56 4.36
C PRO A 28 -12.52 -8.60 3.64
N VAL A 29 -13.05 -8.22 2.50
CA VAL A 29 -13.85 -9.12 1.70
C VAL A 29 -13.01 -9.67 0.54
N ASN A 30 -13.04 -10.98 0.37
CA ASN A 30 -12.25 -11.68 -0.66
C ASN A 30 -10.77 -11.55 -0.36
N GLY A 31 -10.46 -11.28 0.90
CA GLY A 31 -9.07 -11.20 1.34
C GLY A 31 -8.50 -9.81 1.20
N LYS A 32 -9.31 -8.87 0.75
CA LYS A 32 -8.87 -7.50 0.52
C LYS A 32 -9.89 -6.53 1.07
N ILE A 33 -9.47 -5.33 1.39
CA ILE A 33 -10.39 -4.31 1.89
C ILE A 33 -10.74 -3.32 0.79
N THR A 34 -11.97 -2.84 0.82
CA THR A 34 -12.42 -1.89 -0.17
C THR A 34 -11.78 -0.53 0.08
N GLY A 35 -11.84 0.34 -0.91
CA GLY A 35 -11.33 1.68 -0.76
C GLY A 35 -11.98 2.43 0.38
N ALA A 36 -13.22 2.03 0.72
CA ALA A 36 -13.98 2.68 1.79
C ALA A 36 -13.25 2.60 3.13
N ASN A 37 -12.95 1.39 3.56
CA ASN A 37 -12.37 1.16 4.87
C ASN A 37 -10.97 1.73 4.93
N ALA A 38 -10.23 1.53 3.85
CA ALA A 38 -8.87 2.05 3.75
C ALA A 38 -8.88 3.58 3.74
N LYS A 39 -9.95 4.15 3.17
CA LYS A 39 -10.10 5.59 3.11
C LYS A 39 -10.30 6.15 4.50
N LYS A 40 -11.14 5.47 5.28
CA LYS A 40 -11.36 5.84 6.67
C LYS A 40 -10.04 5.88 7.41
N GLU A 41 -9.25 4.83 7.28
CA GLU A 41 -7.96 4.76 7.95
C GLU A 41 -7.07 5.95 7.55
N MET A 42 -7.06 6.26 6.26
CA MET A 42 -6.23 7.33 5.74
C MET A 42 -6.67 8.69 6.29
N VAL A 43 -7.97 8.89 6.47
CA VAL A 43 -8.47 10.20 6.85
C VAL A 43 -8.32 10.45 8.34
N LYS A 44 -8.50 9.41 9.17
CA LYS A 44 -8.33 9.59 10.61
C LYS A 44 -6.86 9.53 11.00
N SER A 45 -6.02 9.16 10.04
CA SER A 45 -4.57 9.29 10.22
C SER A 45 -4.16 10.75 10.07
N LYS A 46 -5.03 11.52 9.43
CA LYS A 46 -4.87 12.96 9.27
C LYS A 46 -3.73 13.31 8.34
N LEU A 47 -3.77 12.68 7.17
CA LEU A 47 -2.87 13.04 6.10
C LEU A 47 -3.69 13.69 4.98
N PRO A 48 -3.10 14.68 4.28
CA PRO A 48 -3.78 15.38 3.18
C PRO A 48 -4.12 14.45 2.02
N ASN A 49 -5.23 14.72 1.34
CA ASN A 49 -5.71 13.89 0.23
C ASN A 49 -4.66 13.77 -0.86
N THR A 50 -3.85 14.79 -1.03
CA THR A 50 -2.78 14.76 -2.02
C THR A 50 -1.78 13.66 -1.69
N VAL A 51 -1.35 13.62 -0.43
CA VAL A 51 -0.42 12.60 0.03
C VAL A 51 -1.09 11.23 0.01
N LEU A 52 -2.34 11.18 0.46
CA LEU A 52 -3.12 9.96 0.43
C LEU A 52 -3.27 9.45 -1.01
N GLY A 53 -3.40 10.39 -1.94
CA GLY A 53 -3.48 10.06 -3.33
C GLY A 53 -2.23 9.37 -3.82
N LYS A 54 -1.07 9.92 -3.46
CA LYS A 54 0.21 9.33 -3.80
C LYS A 54 0.35 7.94 -3.19
N ILE A 55 0.01 7.83 -1.91
CA ILE A 55 0.11 6.57 -1.20
C ILE A 55 -0.78 5.50 -1.83
N TRP A 56 -2.03 5.85 -2.10
CA TRP A 56 -2.99 4.90 -2.69
C TRP A 56 -2.56 4.48 -4.09
N LYS A 57 -2.23 5.47 -4.92
CA LYS A 57 -1.90 5.22 -6.33
C LYS A 57 -0.64 4.40 -6.47
N LEU A 58 0.25 4.50 -5.49
CA LEU A 58 1.53 3.81 -5.51
C LEU A 58 1.44 2.47 -4.77
N ALA A 59 0.63 2.41 -3.72
CA ALA A 59 0.49 1.21 -2.89
C ALA A 59 -0.29 0.12 -3.60
N ASP A 60 -1.37 0.48 -4.26
CA ASP A 60 -2.15 -0.48 -5.03
C ASP A 60 -1.45 -0.76 -6.33
N VAL A 61 -0.66 -1.83 -6.35
CA VAL A 61 0.21 -2.16 -7.47
C VAL A 61 -0.63 -2.60 -8.67
N ASP A 62 -1.60 -3.45 -8.39
CA ASP A 62 -2.40 -4.07 -9.45
C ASP A 62 -3.59 -3.19 -9.80
N LYS A 63 -3.91 -2.27 -8.89
CA LYS A 63 -4.97 -1.29 -9.09
C LYS A 63 -6.31 -1.96 -9.35
N ASP A 64 -6.85 -2.50 -8.28
CA ASP A 64 -8.09 -3.25 -8.34
C ASP A 64 -9.17 -2.58 -7.50
N GLY A 65 -8.88 -1.35 -7.06
CA GLY A 65 -9.85 -0.60 -6.28
C GLY A 65 -9.93 -1.08 -4.85
N LEU A 66 -9.14 -2.10 -4.56
CA LEU A 66 -9.13 -2.71 -3.24
C LEU A 66 -7.68 -2.81 -2.77
N LEU A 67 -7.47 -2.73 -1.47
CA LEU A 67 -6.15 -2.94 -0.93
C LEU A 67 -6.01 -4.35 -0.41
N ASP A 68 -5.17 -5.11 -1.10
CA ASP A 68 -4.81 -6.45 -0.67
C ASP A 68 -3.93 -6.36 0.56
N ASP A 69 -3.72 -7.46 1.27
CA ASP A 69 -2.99 -7.42 2.53
C ASP A 69 -1.59 -6.83 2.37
N GLU A 70 -0.93 -7.14 1.25
CA GLU A 70 0.39 -6.56 0.98
C GLU A 70 0.26 -5.08 0.64
N GLU A 71 -0.78 -4.76 -0.14
CA GLU A 71 -0.96 -3.39 -0.64
C GLU A 71 -1.37 -2.45 0.49
N PHE A 72 -2.09 -3.00 1.46
CA PHE A 72 -2.51 -2.25 2.63
C PHE A 72 -1.32 -2.05 3.56
N ALA A 73 -0.56 -3.12 3.75
CA ALA A 73 0.64 -3.07 4.58
C ALA A 73 1.61 -2.05 4.00
N LEU A 74 1.71 -2.05 2.67
CA LEU A 74 2.55 -1.10 1.96
C LEU A 74 2.07 0.31 2.25
N ALA A 75 0.78 0.54 2.08
CA ALA A 75 0.18 1.84 2.30
C ALA A 75 0.45 2.33 3.72
N ASN A 76 0.23 1.46 4.70
CA ASN A 76 0.41 1.81 6.09
C ASN A 76 1.87 2.04 6.43
N HIS A 77 2.76 1.30 5.79
CA HIS A 77 4.19 1.49 5.96
C HIS A 77 4.59 2.86 5.42
N LEU A 78 3.99 3.24 4.31
CA LEU A 78 4.20 4.57 3.72
C LEU A 78 3.68 5.64 4.67
N ILE A 79 2.50 5.40 5.24
CA ILE A 79 1.95 6.25 6.28
C ILE A 79 2.96 6.42 7.41
N LYS A 80 3.47 5.30 7.90
CA LYS A 80 4.38 5.29 9.03
C LYS A 80 5.62 6.12 8.75
N VAL A 81 6.27 5.90 7.61
CA VAL A 81 7.50 6.62 7.31
C VAL A 81 7.26 8.13 7.23
N LYS A 82 6.13 8.53 6.64
CA LYS A 82 5.72 9.94 6.66
C LYS A 82 5.57 10.46 8.09
N LEU A 83 5.00 9.64 8.96
CA LEU A 83 4.77 10.03 10.35
C LEU A 83 6.08 10.09 11.13
N GLU A 84 7.02 9.23 10.74
CA GLU A 84 8.31 9.16 11.39
C GLU A 84 9.23 10.29 10.93
N GLY A 85 8.70 11.16 10.09
CA GLY A 85 9.46 12.30 9.63
C GLY A 85 10.31 11.98 8.42
N HIS A 86 9.91 10.96 7.68
CA HIS A 86 10.62 10.57 6.48
C HIS A 86 9.73 10.80 5.26
N GLU A 87 10.27 10.58 4.08
CA GLU A 87 9.55 10.82 2.84
C GLU A 87 9.39 9.53 2.05
N LEU A 88 8.19 9.32 1.51
CA LEU A 88 7.95 8.20 0.63
C LEU A 88 8.24 8.63 -0.82
N PRO A 89 8.97 7.79 -1.57
CA PRO A 89 9.46 8.14 -2.91
C PRO A 89 8.35 8.44 -3.91
N ALA A 90 7.14 8.00 -3.59
CA ALA A 90 5.98 8.14 -4.47
C ALA A 90 6.16 7.33 -5.76
N ASP A 91 7.10 6.39 -5.71
CA ASP A 91 7.37 5.47 -6.80
C ASP A 91 7.49 4.06 -6.24
N LEU A 92 7.60 3.08 -7.11
CA LEU A 92 7.74 1.70 -6.67
C LEU A 92 9.12 1.14 -7.02
N PRO A 93 10.10 1.29 -6.09
CA PRO A 93 11.39 0.60 -6.19
C PRO A 93 11.25 -0.88 -5.82
N PRO A 94 12.21 -1.72 -6.23
CA PRO A 94 12.15 -3.17 -6.02
C PRO A 94 11.89 -3.58 -4.56
N HIS A 95 12.40 -2.80 -3.61
CA HIS A 95 12.25 -3.15 -2.20
C HIS A 95 10.94 -2.62 -1.61
N LEU A 96 10.18 -1.90 -2.42
CA LEU A 96 8.85 -1.44 -2.02
C LEU A 96 7.78 -2.34 -2.59
N VAL A 97 8.10 -3.00 -3.69
CA VAL A 97 7.14 -3.86 -4.37
C VAL A 97 6.86 -5.13 -3.56
N PRO A 98 5.60 -5.33 -3.17
CA PRO A 98 5.17 -6.50 -2.39
C PRO A 98 5.54 -7.82 -3.08
N PRO A 99 5.86 -8.85 -2.28
CA PRO A 99 6.42 -10.12 -2.77
C PRO A 99 5.54 -10.88 -3.76
N SER A 100 4.25 -10.60 -3.77
CA SER A 100 3.35 -11.35 -4.62
C SER A 100 3.31 -10.78 -6.04
N LYS A 101 3.60 -9.49 -6.17
CA LYS A 101 3.54 -8.83 -7.47
C LYS A 101 4.89 -8.23 -7.86
N ARG A 102 5.97 -8.88 -7.41
CA ARG A 102 7.32 -8.44 -7.74
C ARG A 102 7.75 -8.93 -9.12
N ARG A 103 8.53 -8.12 -9.81
CA ARG A 103 9.02 -8.45 -11.14
C ARG A 103 10.37 -9.17 -11.06
N HIS A 104 10.58 -10.14 -11.94
CA HIS A 104 11.85 -10.85 -12.00
C HIS A 104 12.73 -10.28 -13.11
N GLU A 105 13.96 -9.97 -12.76
CA GLU A 105 14.96 -9.58 -13.74
C GLU A 105 16.03 -10.66 -13.85
N PHE B 1 -7.87 -0.68 -22.61
CA PHE B 1 -7.49 -0.40 -21.20
C PHE B 1 -7.20 1.08 -21.04
N ASN B 2 -7.95 1.74 -20.18
CA ASN B 2 -7.82 3.19 -20.02
C ASN B 2 -7.29 3.53 -18.62
N TYR B 3 -8.16 3.39 -17.62
CA TYR B 3 -7.83 3.76 -16.24
C TYR B 3 -7.54 5.25 -16.12
N GLU B 4 -8.60 6.04 -16.08
CA GLU B 4 -8.48 7.49 -15.97
C GLU B 4 -8.10 7.88 -14.55
N SER B 5 -8.88 7.43 -13.60
CA SER B 5 -8.61 7.69 -12.19
C SER B 5 -9.14 6.54 -11.33
N THR B 6 -8.29 6.02 -10.46
CA THR B 6 -8.66 4.88 -9.61
C THR B 6 -8.46 5.22 -8.14
N ASN B 7 -8.50 6.51 -7.83
CA ASN B 7 -8.17 6.95 -6.48
C ASN B 7 -9.37 7.58 -5.78
N PRO B 8 -9.83 6.94 -4.69
CA PRO B 8 -10.98 7.40 -3.89
C PRO B 8 -10.69 8.68 -3.10
N PHE B 9 -9.44 9.14 -3.14
CA PHE B 9 -9.01 10.28 -2.34
C PHE B 9 -8.95 11.56 -3.16
N THR B 10 -9.35 11.51 -4.42
CA THR B 10 -9.16 12.64 -5.31
C THR B 10 -10.45 13.07 -6.01
N ALA B 11 -10.41 14.30 -6.54
CA ALA B 11 -11.50 14.87 -7.35
C ALA B 11 -12.71 15.27 -6.50
N LYS B 12 -13.68 14.37 -6.36
CA LYS B 12 -14.90 14.68 -5.63
C LYS B 12 -15.06 13.76 -4.43
CA CA C . -4.59 -3.90 -5.65
#